data_3N8Z
#
_entry.id   3N8Z
#
_cell.length_a   181.490
_cell.length_b   181.490
_cell.length_c   103.661
_cell.angle_alpha   90.00
_cell.angle_beta   90.00
_cell.angle_gamma   120.00
#
_symmetry.space_group_name_H-M   'P 65'
#
loop_
_entity.id
_entity.type
_entity.pdbx_description
1 polymer 'Prostaglandin G/H synthase 1'
2 branched 2-acetamido-2-deoxy-alpha-D-glucopyranose-(1-4)-2-acetamido-2-deoxy-beta-D-glucopyranose
3 branched 2-acetamido-2-deoxy-beta-D-glucopyranose-(1-4)-2-acetamido-2-deoxy-beta-D-glucopyranose
4 branched alpha-D-mannopyranose-(1-4)-beta-D-mannopyranose-(1-4)-beta-D-mannopyranose-(1-4)-2-acetamido-2-deoxy-beta-D-glucopyranose-(1-4)-2-acetamido-2-deoxy-beta-D-glucopyranose
5 non-polymer 'PROTOPORPHYRIN IX CONTAINING FE'
6 non-polymer 'octyl beta-D-glucopyranoside'
7 non-polymer FLURBIPROFEN
8 water water
#
_entity_poly.entity_id   1
_entity_poly.type   'polypeptide(L)'
_entity_poly.pdbx_seq_one_letter_code
;PVNPCCYYPCQHQGICVRFGLDRYQCDCTRTGYSGPNCTIPEIWTWLRTTLRPSPSFIHFLLTHGRWLWDFVNATFIRDT
LMRLVLTVRSNLIPSPPTYNIAHDYISWESFSNVSYYTRILPSVPRDCPTPMGTKGKKQLPDAEFLSRRFLLRRKFIPDP
QGTNLMFAFFAQHFTHQFFKTSGKMGPGFTKALGHGVDLGHIYGDNLERQYQLRLFKDGKLKYQMLNGEVYPPSVEEAPV
LMHYPRGIPPQSQMAVGQEVFGLLPGLMLYATIWLREHNRVCDLLKAEHPTWGDEQLFQTARLILIGETIKIVIEEYVQQ
LSGYFLQLKFDPELLFGAQFQYRNRIAMEFNQLYHWHPLMPDSFRVGPQDYSYEQFLFNTSMLVDYGVEALVDAFSRQPA
GRIGGGRNIDHHILHVAVDVIKESRVLRLQPFNEYRKRFGMKPYTSFQELTGEKEMAAELEELYGDIDALEFYPGLLLEK
CHPNSIFGESMIEMGAPFSLKGLLGNPICSPEYWKASTFGGEVGFNLVKTATLKKLVCLNTKTCPYVSFHVPD
;
_entity_poly.pdbx_strand_id   A,B
#
loop_
_chem_comp.id
_chem_comp.type
_chem_comp.name
_chem_comp.formula
BMA D-saccharide, beta linking beta-D-mannopyranose 'C6 H12 O6'
BOG D-saccharide 'octyl beta-D-glucopyranoside' 'C14 H28 O6'
FLP non-polymer FLURBIPROFEN 'C15 H13 F O2'
HEM non-polymer 'PROTOPORPHYRIN IX CONTAINING FE' 'C34 H32 Fe N4 O4'
MAN D-saccharide, alpha linking alpha-D-mannopyranose 'C6 H12 O6'
NAG D-saccharide, beta linking 2-acetamido-2-deoxy-beta-D-glucopyranose 'C8 H15 N O6'
NDG D-saccharide, alpha linking 2-acetamido-2-deoxy-alpha-D-glucopyranose 'C8 H15 N O6'
#
# COMPACT_ATOMS: atom_id res chain seq x y z
N PRO A 1 -18.06 27.50 23.93
CA PRO A 1 -17.28 28.31 22.98
C PRO A 1 -17.37 27.76 21.56
N VAL A 2 -17.01 28.59 20.58
CA VAL A 2 -17.01 28.19 19.17
C VAL A 2 -15.73 27.43 18.80
N ASN A 3 -15.85 26.52 17.84
CA ASN A 3 -14.72 25.73 17.35
C ASN A 3 -13.72 26.61 16.59
N PRO A 4 -12.50 26.77 17.13
CA PRO A 4 -11.48 27.65 16.54
C PRO A 4 -10.90 27.16 15.21
N CYS A 5 -10.99 25.86 14.94
CA CYS A 5 -10.51 25.30 13.68
C CYS A 5 -11.40 25.68 12.47
N CYS A 6 -12.53 26.32 12.76
CA CYS A 6 -13.43 26.83 11.73
C CYS A 6 -12.86 28.07 11.04
N TYR A 7 -11.82 28.65 11.64
CA TYR A 7 -11.15 29.83 11.11
C TYR A 7 -9.97 29.46 10.22
N TYR A 8 -9.67 28.16 10.16
CA TYR A 8 -8.51 27.62 9.45
C TYR A 8 -7.22 28.41 9.74
N PRO A 9 -6.84 28.52 11.03
CA PRO A 9 -5.73 29.37 11.42
C PRO A 9 -4.36 28.82 11.05
N CYS A 10 -4.24 27.49 10.96
CA CYS A 10 -2.97 26.84 10.64
C CYS A 10 -2.63 26.99 9.17
N GLN A 11 -1.49 27.63 8.91
CA GLN A 11 -1.07 27.95 7.55
C GLN A 11 -0.06 26.94 7.00
N HIS A 12 0.03 26.88 5.68
CA HIS A 12 1.03 26.07 4.96
C HIS A 12 1.09 24.62 5.43
N GLN A 13 -0.05 23.93 5.36
CA GLN A 13 -0.15 22.49 5.65
C GLN A 13 -0.02 22.09 7.12
N GLY A 14 -0.14 23.06 8.02
CA GLY A 14 -0.17 22.80 9.46
C GLY A 14 -1.50 22.21 9.90
N ILE A 15 -1.47 21.37 10.94
CA ILE A 15 -2.66 20.66 11.40
C ILE A 15 -3.32 21.35 12.60
N CYS A 16 -4.60 21.68 12.45
CA CYS A 16 -5.40 22.28 13.53
C CYS A 16 -5.91 21.21 14.48
N VAL A 17 -5.41 21.23 15.71
CA VAL A 17 -5.85 20.29 16.75
C VAL A 17 -6.48 21.06 17.90
N ARG A 18 -7.65 20.62 18.32
CA ARG A 18 -8.43 21.27 19.37
C ARG A 18 -7.97 20.77 20.74
N PHE A 19 -7.51 21.70 21.58
CA PHE A 19 -7.04 21.39 22.94
C PHE A 19 -7.90 22.08 23.99
N GLY A 20 -8.34 21.30 24.98
CA GLY A 20 -9.16 21.83 26.08
C GLY A 20 -10.54 22.22 25.63
N LEU A 21 -11.13 23.19 26.32
CA LEU A 21 -12.50 23.65 26.04
C LEU A 21 -12.58 24.67 24.90
N ASP A 22 -11.67 25.64 24.92
CA ASP A 22 -11.76 26.78 24.00
C ASP A 22 -10.49 27.09 23.21
N ARG A 23 -9.41 26.34 23.44
CA ARG A 23 -8.14 26.58 22.77
C ARG A 23 -7.91 25.64 21.59
N TYR A 24 -6.80 25.87 20.89
CA TYR A 24 -6.37 25.05 19.75
C TYR A 24 -4.85 25.14 19.61
N GLN A 25 -4.28 24.27 18.78
CA GLN A 25 -2.86 24.33 18.45
C GLN A 25 -2.60 23.91 17.00
N CYS A 26 -1.53 24.47 16.42
CA CYS A 26 -1.08 24.10 15.09
C CYS A 26 0.18 23.24 15.20
N ASP A 27 0.21 22.16 14.44
CA ASP A 27 1.38 21.29 14.38
C ASP A 27 2.16 21.56 13.11
N CYS A 28 3.09 22.51 13.21
CA CYS A 28 3.82 23.04 12.04
C CYS A 28 5.02 22.18 11.63
N THR A 29 5.03 20.92 12.06
CA THR A 29 6.15 20.02 11.80
C THR A 29 6.36 19.77 10.30
N ARG A 30 7.56 20.10 9.83
CA ARG A 30 7.97 19.93 8.42
C ARG A 30 7.11 20.71 7.41
N THR A 31 6.50 21.81 7.89
CA THR A 31 5.74 22.70 7.02
C THR A 31 6.65 23.78 6.44
N GLY A 32 7.83 23.91 7.02
CA GLY A 32 8.79 24.95 6.65
C GLY A 32 8.58 26.23 7.44
N TYR A 33 7.63 26.20 8.37
CA TYR A 33 7.26 27.37 9.15
C TYR A 33 7.18 27.09 10.64
N SER A 34 7.33 28.14 11.44
CA SER A 34 7.17 28.05 12.89
C SER A 34 6.19 29.12 13.37
N GLY A 35 5.95 29.16 14.67
CA GLY A 35 4.99 30.10 15.25
C GLY A 35 3.61 29.48 15.41
N PRO A 36 2.78 30.07 16.29
CA PRO A 36 1.45 29.55 16.66
C PRO A 36 0.54 29.18 15.48
N ASN A 37 0.69 29.88 14.36
CA ASN A 37 -0.13 29.63 13.17
C ASN A 37 0.67 29.14 11.95
N CYS A 38 1.96 28.88 12.17
CA CYS A 38 2.91 28.48 11.11
C CYS A 38 3.03 29.57 10.03
N THR A 39 3.23 30.82 10.45
CA THR A 39 3.34 31.94 9.52
C THR A 39 4.75 32.55 9.51
N ILE A 40 5.63 32.01 10.33
CA ILE A 40 7.00 32.51 10.43
C ILE A 40 7.95 31.58 9.67
N PRO A 41 8.59 32.09 8.60
CA PRO A 41 9.39 31.24 7.71
C PRO A 41 10.77 30.89 8.24
N GLU A 42 11.21 29.67 7.98
CA GLU A 42 12.59 29.25 8.23
C GLU A 42 13.49 29.86 7.16
N ILE A 43 14.80 29.84 7.43
CA ILE A 43 15.80 30.40 6.51
C ILE A 43 15.66 29.87 5.07
N TRP A 44 15.49 28.55 4.93
CA TRP A 44 15.37 27.89 3.62
C TRP A 44 14.06 28.23 2.91
N THR A 45 12.97 28.36 3.68
CA THR A 45 11.64 28.62 3.13
C THR A 45 11.52 30.06 2.62
N TRP A 46 12.04 31.00 3.40
CA TRP A 46 12.12 32.41 3.03
C TRP A 46 12.99 32.60 1.79
N LEU A 47 14.03 31.76 1.68
CA LEU A 47 14.95 31.78 0.55
C LEU A 47 14.30 31.22 -0.72
N ARG A 48 13.18 30.52 -0.55
CA ARG A 48 12.45 29.94 -1.68
C ARG A 48 11.24 30.76 -2.11
N THR A 49 10.60 31.43 -1.16
CA THR A 49 9.35 32.18 -1.43
C THR A 49 9.54 33.45 -2.26
N THR A 50 10.54 34.26 -1.91
CA THR A 50 10.86 35.49 -2.64
C THR A 50 11.65 35.21 -3.93
N LEU A 51 11.90 33.94 -4.20
CA LEU A 51 12.58 33.52 -5.44
C LEU A 51 11.73 32.56 -6.27
N ARG A 52 10.55 32.20 -5.75
CA ARG A 52 9.59 31.38 -6.48
C ARG A 52 8.69 32.28 -7.34
N PRO A 53 8.79 32.14 -8.68
CA PRO A 53 7.94 32.91 -9.58
C PRO A 53 6.50 32.40 -9.58
N SER A 54 5.55 33.32 -9.74
CA SER A 54 4.12 33.01 -9.72
C SER A 54 3.72 31.92 -10.70
N PRO A 55 2.76 31.05 -10.32
CA PRO A 55 2.26 29.96 -11.17
C PRO A 55 1.85 30.39 -12.59
N SER A 56 1.39 31.63 -12.75
CA SER A 56 1.06 32.17 -14.08
C SER A 56 2.31 32.40 -14.94
N PHE A 57 3.37 32.89 -14.30
CA PHE A 57 4.65 33.13 -14.98
C PHE A 57 5.26 31.83 -15.50
N ILE A 58 5.19 30.79 -14.67
CA ILE A 58 5.70 29.45 -15.04
C ILE A 58 4.87 28.83 -16.16
N HIS A 59 3.56 29.08 -16.15
CA HIS A 59 2.68 28.67 -17.25
C HIS A 59 3.12 29.37 -18.54
N PHE A 60 3.38 30.68 -18.43
CA PHE A 60 3.81 31.50 -19.55
C PHE A 60 5.10 30.95 -20.18
N LEU A 61 6.03 30.54 -19.33
CA LEU A 61 7.30 29.97 -19.78
C LEU A 61 7.09 28.67 -20.55
N LEU A 62 6.15 27.87 -20.09
CA LEU A 62 5.87 26.56 -20.69
C LEU A 62 5.04 26.64 -21.98
N THR A 63 4.46 27.81 -22.23
CA THR A 63 3.56 27.98 -23.38
C THR A 63 4.06 28.99 -24.42
N HIS A 64 5.31 29.43 -24.27
CA HIS A 64 5.88 30.44 -25.17
C HIS A 64 7.35 30.17 -25.52
N GLY A 65 7.77 30.67 -26.68
CA GLY A 65 9.14 30.53 -27.16
C GLY A 65 9.49 29.14 -27.66
N ARG A 66 8.95 28.79 -28.84
CA ARG A 66 9.20 27.49 -29.48
C ARG A 66 10.67 27.14 -29.65
N TRP A 67 11.49 28.17 -29.91
CA TRP A 67 12.91 27.96 -30.23
C TRP A 67 13.72 27.31 -29.11
N LEU A 68 13.59 27.82 -27.88
CA LEU A 68 14.32 27.27 -26.73
C LEU A 68 13.78 25.92 -26.28
N TRP A 69 12.48 25.70 -26.47
CA TRP A 69 11.87 24.42 -26.11
C TRP A 69 12.25 23.30 -27.07
N ASP A 70 12.51 23.64 -28.33
CA ASP A 70 13.07 22.69 -29.29
C ASP A 70 14.45 22.23 -28.83
N PHE A 71 15.25 23.17 -28.34
CA PHE A 71 16.56 22.89 -27.78
C PHE A 71 16.45 22.02 -26.52
N VAL A 72 15.62 22.45 -25.59
CA VAL A 72 15.41 21.74 -24.33
C VAL A 72 14.98 20.29 -24.56
N ASN A 73 13.96 20.09 -25.40
CA ASN A 73 13.44 18.75 -25.71
C ASN A 73 14.46 17.83 -26.37
N ALA A 74 15.44 18.42 -27.06
CA ALA A 74 16.48 17.66 -27.75
C ALA A 74 17.76 17.50 -26.92
N THR A 75 17.66 17.78 -25.62
CA THR A 75 18.81 17.69 -24.72
C THR A 75 18.50 16.93 -23.43
N PHE A 76 19.42 16.99 -22.48
CA PHE A 76 19.27 16.42 -21.14
C PHE A 76 18.25 17.18 -20.31
N ILE A 77 17.99 18.43 -20.69
CA ILE A 77 17.12 19.33 -19.93
C ILE A 77 15.67 18.85 -19.92
N ARG A 78 15.28 18.08 -20.95
CA ARG A 78 13.96 17.47 -20.99
C ARG A 78 13.73 16.57 -19.78
N ASP A 79 14.73 15.74 -19.47
CA ASP A 79 14.69 14.83 -18.32
C ASP A 79 14.73 15.58 -16.99
N THR A 80 15.60 16.58 -16.90
CA THR A 80 15.74 17.40 -15.70
C THR A 80 14.40 18.03 -15.29
N LEU A 81 13.72 18.65 -16.24
CA LEU A 81 12.45 19.32 -16.00
C LEU A 81 11.32 18.33 -15.75
N MET A 82 11.32 17.21 -16.46
CA MET A 82 10.31 16.18 -16.25
C MET A 82 10.43 15.58 -14.84
N ARG A 83 11.67 15.42 -14.38
CA ARG A 83 11.93 14.97 -13.01
C ARG A 83 11.52 16.05 -12.02
N LEU A 84 11.73 17.31 -12.40
CA LEU A 84 11.35 18.44 -11.56
C LEU A 84 9.82 18.57 -11.46
N VAL A 85 9.13 18.40 -12.60
CA VAL A 85 7.67 18.45 -12.63
C VAL A 85 7.04 17.33 -11.79
N LEU A 86 7.57 16.12 -11.96
CA LEU A 86 7.08 14.94 -11.24
C LEU A 86 7.19 15.08 -9.72
N THR A 87 8.38 15.45 -9.24
CA THR A 87 8.64 15.57 -7.80
C THR A 87 7.84 16.70 -7.17
N VAL A 88 8.02 17.92 -7.67
CA VAL A 88 7.42 19.11 -7.09
C VAL A 88 5.89 19.04 -7.03
N ARG A 89 5.26 18.51 -8.09
CA ARG A 89 3.82 18.29 -8.10
C ARG A 89 3.35 17.25 -7.08
N SER A 90 3.98 16.08 -7.09
CA SER A 90 3.56 14.95 -6.25
C SER A 90 3.83 15.15 -4.76
N ASN A 91 4.81 16.00 -4.42
N ASN A 91 4.81 16.00 -4.44
CA ASN A 91 5.14 16.29 -3.02
CA ASN A 91 5.16 16.35 -3.06
C ASN A 91 4.08 17.11 -2.29
C ASN A 91 4.02 17.00 -2.29
N LEU A 92 3.05 17.54 -3.01
CA LEU A 92 1.90 18.24 -2.41
C LEU A 92 0.87 17.24 -1.90
N ILE A 93 0.94 16.01 -2.43
CA ILE A 93 0.02 14.95 -2.06
C ILE A 93 0.59 14.14 -0.91
N PRO A 94 -0.17 14.01 0.20
CA PRO A 94 0.22 13.19 1.32
C PRO A 94 0.29 11.72 0.95
N SER A 95 1.40 11.06 1.31
CA SER A 95 1.61 9.65 1.02
C SER A 95 2.54 9.07 2.08
N PRO A 96 2.02 8.13 2.90
CA PRO A 96 0.68 7.53 2.89
C PRO A 96 -0.46 8.54 3.09
N PRO A 97 -1.67 8.23 2.55
CA PRO A 97 -2.84 9.12 2.59
C PRO A 97 -3.27 9.45 4.02
N THR A 98 -3.88 10.62 4.20
CA THR A 98 -4.12 11.13 5.55
C THR A 98 -5.57 11.04 6.08
N TYR A 99 -6.50 11.80 5.50
CA TYR A 99 -7.88 11.85 6.01
C TYR A 99 -8.91 11.17 5.08
N ASN A 100 -10.11 10.94 5.61
CA ASN A 100 -11.28 10.52 4.81
C ASN A 100 -12.59 11.14 5.30
N ILE A 101 -13.72 10.71 4.73
CA ILE A 101 -15.03 11.26 5.10
C ILE A 101 -15.39 11.05 6.58
N ALA A 102 -14.99 9.91 7.13
CA ALA A 102 -15.25 9.58 8.53
C ALA A 102 -14.26 10.27 9.47
N HIS A 103 -12.99 10.32 9.08
CA HIS A 103 -11.93 10.84 9.94
C HIS A 103 -11.24 12.09 9.37
N ASP A 104 -11.30 13.18 10.11
CA ASP A 104 -10.57 14.40 9.78
C ASP A 104 -9.28 14.47 10.59
N TYR A 105 -8.62 13.31 10.68
CA TYR A 105 -7.38 13.11 11.43
C TYR A 105 -6.75 11.81 10.94
N ILE A 106 -5.51 11.56 11.34
CA ILE A 106 -4.82 10.33 10.97
C ILE A 106 -5.27 9.17 11.85
N SER A 107 -5.61 8.04 11.22
CA SER A 107 -6.04 6.85 11.94
C SER A 107 -5.66 5.59 11.17
N TRP A 108 -5.74 4.43 11.83
CA TRP A 108 -5.45 3.17 11.17
C TRP A 108 -6.55 2.76 10.17
N GLU A 109 -7.78 3.14 10.48
CA GLU A 109 -8.91 2.85 9.60
C GLU A 109 -8.81 3.65 8.30
N SER A 110 -8.25 4.85 8.40
CA SER A 110 -8.04 5.71 7.25
C SER A 110 -6.94 5.17 6.32
N PHE A 111 -5.95 4.48 6.91
CA PHE A 111 -4.88 3.87 6.15
C PHE A 111 -5.31 2.54 5.51
N SER A 112 -5.95 1.68 6.29
CA SER A 112 -6.24 0.31 5.84
C SER A 112 -7.49 0.20 4.96
N ASN A 113 -8.60 0.83 5.37
CA ASN A 113 -9.87 0.74 4.64
C ASN A 113 -9.81 1.48 3.30
N VAL A 114 -9.42 0.76 2.26
CA VAL A 114 -9.25 1.34 0.92
C VAL A 114 -10.58 1.67 0.22
N SER A 115 -11.69 1.28 0.82
CA SER A 115 -13.01 1.57 0.26
C SER A 115 -13.40 3.04 0.38
N TYR A 116 -12.65 3.78 1.20
CA TYR A 116 -12.80 5.22 1.34
C TYR A 116 -12.11 5.97 0.21
N TYR A 117 -12.67 7.12 -0.16
CA TYR A 117 -11.90 8.14 -0.88
C TYR A 117 -11.12 8.92 0.18
N THR A 118 -9.92 9.38 -0.16
CA THR A 118 -9.15 10.21 0.76
C THR A 118 -9.40 11.70 0.53
N ARG A 119 -8.88 12.52 1.43
CA ARG A 119 -9.00 13.98 1.30
C ARG A 119 -7.72 14.67 1.78
N ILE A 120 -7.29 15.67 1.02
CA ILE A 120 -6.06 16.41 1.33
C ILE A 120 -6.30 17.39 2.47
N LEU A 121 -7.40 18.13 2.40
CA LEU A 121 -7.84 18.95 3.52
C LEU A 121 -8.96 18.24 4.28
N PRO A 122 -9.05 18.48 5.60
CA PRO A 122 -10.17 17.95 6.37
C PRO A 122 -11.48 18.64 6.01
N SER A 123 -12.60 17.98 6.29
CA SER A 123 -13.91 18.57 6.05
C SER A 123 -14.15 19.76 6.97
N VAL A 124 -15.04 20.66 6.57
CA VAL A 124 -15.47 21.77 7.43
C VAL A 124 -16.17 21.16 8.63
N PRO A 125 -15.64 21.40 9.85
CA PRO A 125 -16.21 20.82 11.07
C PRO A 125 -17.72 21.00 11.18
N ARG A 126 -18.40 19.99 11.72
CA ARG A 126 -19.87 19.95 11.77
C ARG A 126 -20.52 21.01 12.69
N ASP A 127 -19.69 21.71 13.45
CA ASP A 127 -20.15 22.68 14.45
C ASP A 127 -19.79 24.13 14.11
N CYS A 128 -19.39 24.38 12.86
CA CYS A 128 -18.99 25.72 12.43
C CYS A 128 -20.19 26.64 12.18
N PRO A 129 -20.02 27.95 12.46
CA PRO A 129 -21.08 28.96 12.31
C PRO A 129 -21.72 29.03 10.91
N THR A 130 -20.91 28.90 9.86
CA THR A 130 -21.42 28.87 8.50
C THR A 130 -20.93 27.60 7.78
N PRO A 131 -21.75 27.05 6.87
CA PRO A 131 -21.46 25.82 6.11
C PRO A 131 -20.02 25.71 5.57
N MET A 132 -19.44 26.84 5.17
CA MET A 132 -18.09 26.86 4.59
C MET A 132 -16.98 27.15 5.61
N GLY A 133 -17.38 27.47 6.84
CA GLY A 133 -16.42 27.75 7.91
C GLY A 133 -16.88 28.89 8.81
N THR A 134 -16.41 30.10 8.52
CA THR A 134 -16.76 31.29 9.30
C THR A 134 -17.31 32.42 8.43
N LYS A 135 -16.94 32.39 7.15
CA LYS A 135 -17.33 33.44 6.21
C LYS A 135 -18.54 33.03 5.39
N GLY A 136 -19.29 34.02 4.90
CA GLY A 136 -20.45 33.78 4.06
C GLY A 136 -21.77 33.75 4.81
N LYS A 137 -22.82 33.31 4.13
CA LYS A 137 -24.16 33.24 4.71
C LYS A 137 -24.47 31.84 5.28
N LYS A 138 -25.47 31.79 6.16
CA LYS A 138 -25.86 30.55 6.85
C LYS A 138 -26.38 29.47 5.90
N GLN A 139 -26.81 29.89 4.71
CA GLN A 139 -27.30 28.97 3.69
C GLN A 139 -26.57 29.22 2.37
N LEU A 140 -25.98 28.16 1.83
CA LEU A 140 -25.27 28.23 0.56
C LEU A 140 -26.22 28.40 -0.62
N PRO A 141 -25.76 29.03 -1.72
CA PRO A 141 -26.57 29.22 -2.92
C PRO A 141 -27.18 27.93 -3.45
N ASP A 142 -28.39 28.02 -3.98
CA ASP A 142 -29.10 26.87 -4.55
C ASP A 142 -28.27 26.19 -5.64
N ALA A 143 -28.13 24.87 -5.53
CA ALA A 143 -27.34 24.07 -6.45
C ALA A 143 -27.86 24.12 -7.89
N GLU A 144 -29.19 24.07 -8.03
CA GLU A 144 -29.83 24.10 -9.34
C GLU A 144 -29.73 25.48 -9.99
N PHE A 145 -29.92 26.53 -9.18
CA PHE A 145 -29.82 27.91 -9.66
C PHE A 145 -28.39 28.29 -10.03
N LEU A 146 -27.43 27.76 -9.27
CA LEU A 146 -26.02 27.99 -9.53
C LEU A 146 -25.58 27.36 -10.85
N SER A 147 -26.09 26.15 -11.12
CA SER A 147 -25.78 25.45 -12.37
C SER A 147 -26.49 26.08 -13.56
N ARG A 148 -27.69 26.61 -13.32
CA ARG A 148 -28.49 27.21 -14.39
C ARG A 148 -27.95 28.56 -14.84
N ARG A 149 -27.58 29.39 -13.87
CA ARG A 149 -27.13 30.76 -14.15
C ARG A 149 -25.62 30.88 -14.43
N PHE A 150 -24.85 29.84 -14.06
CA PHE A 150 -23.39 29.92 -14.19
C PHE A 150 -22.73 28.76 -14.94
N LEU A 151 -23.44 27.64 -15.10
CA LEU A 151 -22.85 26.47 -15.75
C LEU A 151 -23.57 26.02 -17.02
N LEU A 152 -24.83 26.43 -17.19
CA LEU A 152 -25.61 26.03 -18.35
C LEU A 152 -25.09 26.67 -19.63
N ARG A 153 -24.81 25.84 -20.62
CA ARG A 153 -24.30 26.29 -21.92
C ARG A 153 -25.37 27.05 -22.68
N ARG A 154 -25.05 28.30 -23.05
CA ARG A 154 -25.90 29.07 -23.95
C ARG A 154 -25.50 28.62 -25.35
N LYS A 155 -24.51 29.29 -25.92
CA LYS A 155 -23.91 28.88 -27.18
C LYS A 155 -22.71 27.97 -26.90
N PHE A 156 -22.38 27.12 -27.87
CA PHE A 156 -21.23 26.22 -27.77
C PHE A 156 -19.93 27.01 -27.79
N ILE A 157 -19.16 26.89 -26.70
CA ILE A 157 -17.81 27.45 -26.63
C ILE A 157 -16.82 26.31 -26.85
N PRO A 158 -16.21 26.26 -28.05
CA PRO A 158 -15.25 25.19 -28.32
C PRO A 158 -13.93 25.46 -27.60
N ASP A 159 -13.21 24.38 -27.29
CA ASP A 159 -11.90 24.48 -26.67
C ASP A 159 -10.89 25.09 -27.65
N PRO A 160 -10.18 26.15 -27.19
CA PRO A 160 -9.18 26.82 -28.03
C PRO A 160 -7.91 25.99 -28.28
N GLN A 161 -7.72 24.93 -27.49
CA GLN A 161 -6.54 24.06 -27.60
C GLN A 161 -6.70 22.98 -28.67
N GLY A 162 -7.90 22.85 -29.22
CA GLY A 162 -8.18 21.88 -30.29
C GLY A 162 -8.52 20.48 -29.81
N THR A 163 -8.87 20.38 -28.52
CA THR A 163 -9.25 19.10 -27.91
C THR A 163 -10.46 18.50 -28.62
N ASN A 164 -10.40 17.19 -28.87
CA ASN A 164 -11.50 16.50 -29.55
C ASN A 164 -12.27 15.52 -28.66
N LEU A 165 -13.32 14.92 -29.21
CA LEU A 165 -14.13 13.94 -28.49
C LEU A 165 -13.39 12.64 -28.25
N MET A 166 -12.40 12.35 -29.10
CA MET A 166 -11.52 11.21 -28.92
C MET A 166 -10.77 11.33 -27.59
N PHE A 167 -10.44 12.56 -27.22
CA PHE A 167 -9.89 12.86 -25.89
C PHE A 167 -10.96 12.70 -24.82
N ALA A 168 -12.14 13.29 -25.08
CA ALA A 168 -13.23 13.31 -24.11
C ALA A 168 -13.67 11.91 -23.68
N PHE A 169 -13.84 11.02 -24.67
CA PHE A 169 -14.23 9.65 -24.39
C PHE A 169 -13.08 8.81 -23.82
N PHE A 170 -11.85 9.26 -24.05
CA PHE A 170 -10.69 8.66 -23.38
C PHE A 170 -10.68 9.13 -21.93
N ALA A 171 -10.86 10.43 -21.73
CA ALA A 171 -10.88 11.04 -20.41
C ALA A 171 -11.90 10.37 -19.49
N GLN A 172 -13.10 10.12 -20.02
CA GLN A 172 -14.16 9.45 -19.26
C GLN A 172 -13.85 7.98 -19.03
N HIS A 173 -13.46 7.28 -20.10
CA HIS A 173 -13.08 5.86 -20.05
C HIS A 173 -11.95 5.63 -19.03
N PHE A 174 -10.87 6.40 -19.16
CA PHE A 174 -9.70 6.27 -18.31
C PHE A 174 -10.01 6.51 -16.82
N THR A 175 -10.70 7.61 -16.52
CA THR A 175 -10.96 8.00 -15.14
C THR A 175 -11.97 7.10 -14.41
N HIS A 176 -12.85 6.46 -15.17
CA HIS A 176 -13.87 5.59 -14.59
C HIS A 176 -13.32 4.27 -14.04
N GLN A 177 -12.00 4.12 -14.06
CA GLN A 177 -11.35 2.96 -13.45
C GLN A 177 -10.97 3.22 -11.99
N PHE A 178 -10.77 4.49 -11.66
CA PHE A 178 -10.45 4.90 -10.29
C PHE A 178 -11.49 5.84 -9.66
N PHE A 179 -12.58 6.09 -10.39
CA PHE A 179 -13.74 6.78 -9.85
C PHE A 179 -14.96 5.88 -9.96
N LYS A 180 -15.29 5.18 -8.88
CA LYS A 180 -16.50 4.35 -8.81
C LYS A 180 -17.20 4.57 -7.49
N THR A 181 -17.89 5.71 -7.38
CA THR A 181 -18.59 6.08 -6.15
C THR A 181 -19.72 5.08 -5.87
N SER A 182 -19.68 4.50 -4.67
CA SER A 182 -20.61 3.44 -4.26
C SER A 182 -22.08 3.89 -4.21
N GLY A 183 -22.96 2.95 -4.56
CA GLY A 183 -24.40 3.19 -4.49
C GLY A 183 -24.95 2.96 -3.09
N LYS A 184 -24.58 1.82 -2.50
CA LYS A 184 -25.08 1.42 -1.18
C LYS A 184 -24.34 2.08 -0.01
N MET A 185 -23.03 2.25 -0.14
CA MET A 185 -22.23 2.89 0.90
C MET A 185 -22.39 4.41 0.92
N GLY A 186 -22.82 4.98 -0.20
CA GLY A 186 -23.09 6.41 -0.30
C GLY A 186 -21.91 7.22 -0.78
N PRO A 187 -21.91 8.54 -0.49
CA PRO A 187 -20.83 9.44 -0.92
C PRO A 187 -19.56 9.25 -0.10
N GLY A 188 -18.41 9.42 -0.76
CA GLY A 188 -17.10 9.31 -0.10
C GLY A 188 -16.51 7.90 -0.15
N PHE A 189 -17.28 6.95 -0.68
CA PHE A 189 -16.84 5.56 -0.77
C PHE A 189 -16.66 5.10 -2.21
N THR A 190 -15.73 4.17 -2.43
CA THR A 190 -15.39 3.72 -3.78
C THR A 190 -15.37 2.20 -3.96
N LYS A 191 -15.86 1.77 -5.12
CA LYS A 191 -15.81 0.36 -5.54
C LYS A 191 -14.46 0.06 -6.18
N ALA A 192 -13.79 1.10 -6.67
CA ALA A 192 -12.51 0.97 -7.34
C ALA A 192 -11.36 0.86 -6.33
N LEU A 193 -11.09 -0.38 -5.90
CA LEU A 193 -10.13 -0.63 -4.82
C LEU A 193 -8.67 -0.52 -5.27
N GLY A 194 -8.44 -0.54 -6.58
CA GLY A 194 -7.10 -0.40 -7.15
C GLY A 194 -6.51 0.98 -6.98
N HIS A 195 -7.38 1.98 -6.80
CA HIS A 195 -6.97 3.36 -6.56
C HIS A 195 -5.95 3.91 -7.55
N GLY A 196 -6.25 3.76 -8.85
CA GLY A 196 -5.38 4.29 -9.88
C GLY A 196 -5.47 3.58 -11.21
N VAL A 197 -4.32 3.44 -11.86
CA VAL A 197 -4.25 2.82 -13.18
C VAL A 197 -4.07 1.31 -13.02
N ASP A 198 -5.18 0.64 -12.70
CA ASP A 198 -5.21 -0.80 -12.47
C ASP A 198 -5.93 -1.52 -13.61
N LEU A 199 -6.66 -0.74 -14.41
CA LEU A 199 -7.43 -1.23 -15.55
C LEU A 199 -8.63 -2.10 -15.14
N GLY A 200 -9.19 -1.80 -13.97
CA GLY A 200 -10.41 -2.44 -13.48
C GLY A 200 -11.64 -2.04 -14.28
N HIS A 201 -11.45 -1.13 -15.24
CA HIS A 201 -12.51 -0.76 -16.18
C HIS A 201 -12.47 -1.69 -17.39
N ILE A 202 -11.46 -2.56 -17.43
CA ILE A 202 -11.30 -3.57 -18.47
C ILE A 202 -11.44 -4.97 -17.88
N TYR A 203 -10.76 -5.21 -16.76
CA TYR A 203 -10.72 -6.53 -16.12
C TYR A 203 -11.73 -6.69 -14.98
N GLY A 204 -12.16 -5.59 -14.39
CA GLY A 204 -13.14 -5.64 -13.30
C GLY A 204 -12.53 -5.29 -11.96
N ASP A 205 -13.38 -4.89 -11.01
CA ASP A 205 -12.96 -4.51 -9.67
C ASP A 205 -12.88 -5.69 -8.69
N ASN A 206 -13.19 -6.89 -9.19
CA ASN A 206 -13.11 -8.13 -8.40
C ASN A 206 -12.74 -9.34 -9.27
N LEU A 207 -12.33 -10.43 -8.62
CA LEU A 207 -11.92 -11.65 -9.31
C LEU A 207 -13.07 -12.42 -9.97
N GLU A 208 -14.24 -12.39 -9.34
CA GLU A 208 -15.42 -13.09 -9.84
C GLU A 208 -15.79 -12.58 -11.22
N ARG A 209 -15.71 -11.27 -11.40
CA ARG A 209 -16.01 -10.61 -12.66
C ARG A 209 -14.92 -10.89 -13.70
N GLN A 210 -13.67 -10.83 -13.25
CA GLN A 210 -12.50 -11.06 -14.11
C GLN A 210 -12.50 -12.47 -14.71
N TYR A 211 -12.67 -13.47 -13.85
CA TYR A 211 -12.74 -14.87 -14.27
C TYR A 211 -13.86 -15.08 -15.29
N GLN A 212 -14.98 -14.40 -15.08
CA GLN A 212 -16.14 -14.53 -15.95
C GLN A 212 -15.91 -13.89 -17.32
N LEU A 213 -15.06 -12.86 -17.36
CA LEU A 213 -14.69 -12.21 -18.62
C LEU A 213 -13.53 -12.89 -19.34
N ARG A 214 -12.77 -13.71 -18.62
CA ARG A 214 -11.62 -14.40 -19.19
C ARG A 214 -12.02 -15.68 -19.92
N LEU A 215 -11.39 -15.91 -21.06
CA LEU A 215 -11.63 -17.11 -21.87
C LEU A 215 -10.86 -18.30 -21.29
N PHE A 216 -9.87 -18.00 -20.45
CA PHE A 216 -9.01 -19.01 -19.80
C PHE A 216 -8.14 -19.82 -20.76
N LYS A 217 -8.01 -19.32 -21.99
CA LYS A 217 -7.14 -19.91 -22.99
C LYS A 217 -6.19 -18.83 -23.54
N ASP A 218 -4.89 -19.14 -23.52
CA ASP A 218 -3.84 -18.24 -24.02
C ASP A 218 -3.80 -16.86 -23.35
N GLY A 219 -4.43 -16.73 -22.18
CA GLY A 219 -4.44 -15.48 -21.42
C GLY A 219 -5.43 -14.44 -21.92
N LYS A 220 -6.22 -14.82 -22.93
CA LYS A 220 -7.14 -13.90 -23.59
C LYS A 220 -8.43 -13.73 -22.79
N LEU A 221 -9.17 -12.66 -23.10
CA LEU A 221 -10.55 -12.51 -22.61
C LEU A 221 -11.52 -12.94 -23.70
N LYS A 222 -12.76 -13.22 -23.32
CA LYS A 222 -13.79 -13.63 -24.28
C LYS A 222 -14.11 -12.52 -25.29
N TYR A 223 -14.56 -12.92 -26.47
CA TYR A 223 -14.92 -11.99 -27.53
C TYR A 223 -15.97 -12.58 -28.47
N GLN A 224 -16.57 -11.74 -29.30
CA GLN A 224 -17.53 -12.19 -30.31
C GLN A 224 -17.21 -11.61 -31.70
N MET A 225 -17.48 -12.42 -32.73
CA MET A 225 -17.22 -12.02 -34.11
C MET A 225 -18.49 -11.49 -34.78
N LEU A 226 -18.52 -10.17 -35.00
CA LEU A 226 -19.63 -9.53 -35.69
C LEU A 226 -19.11 -8.84 -36.94
N ASN A 227 -19.61 -9.29 -38.09
CA ASN A 227 -19.20 -8.77 -39.42
C ASN A 227 -17.69 -8.90 -39.68
N GLY A 228 -17.07 -9.92 -39.08
CA GLY A 228 -15.64 -10.16 -39.21
C GLY A 228 -14.77 -9.31 -38.29
N GLU A 229 -15.41 -8.58 -37.39
CA GLU A 229 -14.71 -7.68 -36.47
C GLU A 229 -14.84 -8.15 -35.02
N VAL A 230 -13.78 -7.91 -34.25
CA VAL A 230 -13.72 -8.38 -32.85
C VAL A 230 -14.38 -7.39 -31.89
N TYR A 231 -15.30 -7.90 -31.07
CA TYR A 231 -16.02 -7.09 -30.09
C TYR A 231 -16.13 -7.84 -28.75
N PRO A 232 -16.32 -7.11 -27.64
CA PRO A 232 -16.53 -7.73 -26.31
C PRO A 232 -17.69 -8.73 -26.33
N PRO A 233 -17.60 -9.79 -25.50
CA PRO A 233 -18.58 -10.87 -25.54
C PRO A 233 -19.96 -10.41 -25.07
N SER A 234 -20.98 -11.21 -25.36
CA SER A 234 -22.32 -10.94 -24.87
C SER A 234 -22.45 -11.41 -23.42
N VAL A 235 -23.42 -10.85 -22.70
CA VAL A 235 -23.70 -11.21 -21.31
C VAL A 235 -24.07 -12.70 -21.19
N GLU A 236 -24.62 -13.25 -22.28
CA GLU A 236 -24.92 -14.69 -22.35
C GLU A 236 -23.63 -15.53 -22.32
N GLU A 237 -22.57 -15.01 -22.94
CA GLU A 237 -21.26 -15.68 -22.95
C GLU A 237 -20.45 -15.37 -21.70
N ALA A 238 -20.50 -14.13 -21.25
CA ALA A 238 -19.84 -13.68 -20.01
C ALA A 238 -20.86 -13.09 -19.04
N PRO A 239 -21.39 -13.92 -18.13
CA PRO A 239 -22.47 -13.50 -17.22
C PRO A 239 -22.00 -12.61 -16.08
N VAL A 240 -21.77 -11.33 -16.40
CA VAL A 240 -21.40 -10.34 -15.38
C VAL A 240 -22.44 -9.23 -15.27
N LEU A 241 -22.44 -8.55 -14.13
CA LEU A 241 -23.36 -7.44 -13.88
C LEU A 241 -23.03 -6.26 -14.79
N MET A 242 -23.97 -5.93 -15.68
CA MET A 242 -23.84 -4.80 -16.59
C MET A 242 -25.08 -3.91 -16.52
N HIS A 243 -24.85 -2.62 -16.32
CA HIS A 243 -25.95 -1.65 -16.27
C HIS A 243 -26.50 -1.34 -17.66
N TYR A 244 -27.74 -1.76 -17.89
CA TYR A 244 -28.43 -1.51 -19.16
C TYR A 244 -29.89 -1.19 -18.88
N PRO A 245 -30.54 -0.42 -19.78
CA PRO A 245 -31.98 -0.20 -19.67
C PRO A 245 -32.75 -1.52 -19.67
N ARG A 246 -33.71 -1.64 -18.75
CA ARG A 246 -34.52 -2.84 -18.63
C ARG A 246 -35.36 -3.07 -19.88
N GLY A 247 -34.95 -4.06 -20.67
CA GLY A 247 -35.66 -4.40 -21.92
C GLY A 247 -34.75 -4.84 -23.04
N ILE A 248 -33.54 -4.25 -23.09
CA ILE A 248 -32.54 -4.57 -24.11
C ILE A 248 -32.21 -6.08 -24.11
N PRO A 249 -32.27 -6.72 -25.31
CA PRO A 249 -31.96 -8.14 -25.45
C PRO A 249 -30.51 -8.47 -25.05
N PRO A 250 -30.31 -9.62 -24.40
CA PRO A 250 -28.98 -10.02 -23.89
C PRO A 250 -27.99 -10.27 -25.02
N GLN A 251 -28.51 -10.45 -26.24
CA GLN A 251 -27.69 -10.60 -27.44
C GLN A 251 -27.00 -9.28 -27.77
N SER A 252 -27.70 -8.17 -27.54
CA SER A 252 -27.19 -6.82 -27.82
C SER A 252 -26.27 -6.30 -26.70
N GLN A 253 -26.35 -6.91 -25.53
CA GLN A 253 -25.57 -6.50 -24.36
C GLN A 253 -24.13 -7.00 -24.46
N MET A 254 -23.18 -6.15 -24.10
CA MET A 254 -21.75 -6.48 -24.14
C MET A 254 -21.11 -6.42 -22.76
N ALA A 255 -20.32 -7.45 -22.44
CA ALA A 255 -19.71 -7.61 -21.13
C ALA A 255 -18.30 -7.03 -21.06
N VAL A 256 -18.12 -6.04 -20.20
CA VAL A 256 -16.83 -5.37 -20.01
C VAL A 256 -16.50 -5.18 -18.53
N GLY A 257 -15.32 -4.64 -18.24
CA GLY A 257 -14.86 -4.43 -16.87
C GLY A 257 -15.72 -3.47 -16.07
N GLN A 258 -15.96 -2.29 -16.63
CA GLN A 258 -16.76 -1.28 -15.95
C GLN A 258 -18.24 -1.43 -16.32
N GLU A 259 -19.10 -1.31 -15.30
CA GLU A 259 -20.52 -1.62 -15.43
C GLU A 259 -21.32 -0.62 -16.25
N VAL A 260 -20.82 0.62 -16.34
CA VAL A 260 -21.56 1.70 -17.00
C VAL A 260 -21.12 1.96 -18.44
N PHE A 261 -20.24 1.11 -18.96
CA PHE A 261 -19.61 1.32 -20.27
C PHE A 261 -20.51 1.01 -21.48
N GLY A 262 -21.63 0.33 -21.25
CA GLY A 262 -22.59 0.05 -22.31
C GLY A 262 -23.54 1.20 -22.59
N LEU A 263 -23.49 2.21 -21.73
CA LEU A 263 -24.38 3.37 -21.83
C LEU A 263 -24.00 4.30 -22.98
N LEU A 264 -22.70 4.51 -23.17
CA LEU A 264 -22.22 5.37 -24.25
C LEU A 264 -21.38 4.59 -25.24
N PRO A 265 -21.64 4.78 -26.55
CA PRO A 265 -20.84 4.15 -27.61
C PRO A 265 -19.37 4.59 -27.59
N GLY A 266 -19.10 5.77 -27.02
CA GLY A 266 -17.75 6.27 -26.84
C GLY A 266 -16.97 5.50 -25.79
N LEU A 267 -17.67 5.06 -24.75
CA LEU A 267 -17.05 4.28 -23.68
C LEU A 267 -16.83 2.84 -24.11
N MET A 268 -17.84 2.27 -24.79
CA MET A 268 -17.75 0.92 -25.34
C MET A 268 -16.81 0.85 -26.54
N LEU A 269 -16.40 2.01 -27.05
CA LEU A 269 -15.43 2.10 -28.14
C LEU A 269 -14.04 1.68 -27.63
N TYR A 270 -13.56 2.38 -26.61
CA TYR A 270 -12.24 2.11 -26.02
C TYR A 270 -12.17 0.73 -25.38
N ALA A 271 -13.25 0.36 -24.69
CA ALA A 271 -13.39 -0.97 -24.09
C ALA A 271 -13.12 -2.07 -25.11
N THR A 272 -13.62 -1.86 -26.34
CA THR A 272 -13.38 -2.76 -27.46
C THR A 272 -11.92 -2.72 -27.93
N ILE A 273 -11.35 -1.51 -27.98
CA ILE A 273 -9.96 -1.32 -28.42
C ILE A 273 -8.97 -2.00 -27.49
N TRP A 274 -9.08 -1.71 -26.19
CA TRP A 274 -8.21 -2.29 -25.17
C TRP A 274 -8.32 -3.80 -25.08
N LEU A 275 -9.53 -4.33 -25.32
CA LEU A 275 -9.77 -5.77 -25.36
C LEU A 275 -9.04 -6.41 -26.53
N ARG A 276 -9.10 -5.75 -27.69
CA ARG A 276 -8.41 -6.23 -28.89
C ARG A 276 -6.90 -6.19 -28.72
N GLU A 277 -6.42 -5.17 -28.00
CA GLU A 277 -5.00 -5.02 -27.70
C GLU A 277 -4.51 -6.12 -26.74
N HIS A 278 -5.29 -6.37 -25.69
CA HIS A 278 -4.96 -7.41 -24.71
C HIS A 278 -4.65 -8.75 -25.38
N ASN A 279 -5.58 -9.22 -26.21
CA ASN A 279 -5.43 -10.47 -26.93
C ASN A 279 -4.29 -10.44 -27.95
N ARG A 280 -4.10 -9.28 -28.58
CA ARG A 280 -2.99 -9.06 -29.51
C ARG A 280 -1.65 -9.19 -28.79
N VAL A 281 -1.60 -8.68 -27.56
CA VAL A 281 -0.43 -8.79 -26.68
C VAL A 281 -0.21 -10.25 -26.28
N CYS A 282 -1.28 -10.94 -25.90
CA CYS A 282 -1.23 -12.36 -25.56
C CYS A 282 -0.66 -13.21 -26.69
N ASP A 283 -0.97 -12.84 -27.93
CA ASP A 283 -0.43 -13.51 -29.11
C ASP A 283 1.07 -13.28 -29.30
N LEU A 284 1.54 -12.12 -28.83
CA LEU A 284 2.97 -11.79 -28.86
C LEU A 284 3.73 -12.49 -27.73
N LEU A 285 3.03 -12.75 -26.63
CA LEU A 285 3.62 -13.43 -25.48
C LEU A 285 3.69 -14.95 -25.66
N LYS A 286 2.64 -15.54 -26.23
CA LYS A 286 2.56 -16.98 -26.47
C LYS A 286 3.61 -17.46 -27.49
N ALA A 287 3.97 -16.58 -28.42
CA ALA A 287 5.04 -16.87 -29.38
C ALA A 287 6.40 -16.85 -28.69
N GLU A 288 6.54 -15.90 -27.75
CA GLU A 288 7.78 -15.72 -27.00
C GLU A 288 7.98 -16.83 -25.97
N HIS A 289 6.88 -17.22 -25.31
CA HIS A 289 6.92 -18.23 -24.26
C HIS A 289 5.82 -19.27 -24.46
N PRO A 290 6.08 -20.29 -25.30
CA PRO A 290 5.08 -21.32 -25.59
C PRO A 290 4.83 -22.29 -24.43
N THR A 291 5.62 -22.17 -23.37
CA THR A 291 5.49 -23.01 -22.19
C THR A 291 4.63 -22.35 -21.10
N TRP A 292 4.34 -21.07 -21.30
CA TRP A 292 3.57 -20.28 -20.34
C TRP A 292 2.11 -20.72 -20.26
N GLY A 293 1.60 -20.80 -19.04
CA GLY A 293 0.19 -21.11 -18.81
C GLY A 293 -0.70 -19.92 -19.09
N ASP A 294 -2.01 -20.15 -19.03
CA ASP A 294 -3.01 -19.10 -19.25
C ASP A 294 -2.87 -17.94 -18.27
N GLU A 295 -2.72 -18.27 -16.99
CA GLU A 295 -2.64 -17.27 -15.91
C GLU A 295 -1.43 -16.34 -16.07
N GLN A 296 -0.27 -16.88 -16.44
CA GLN A 296 0.91 -16.05 -16.68
C GLN A 296 0.78 -15.23 -17.95
N LEU A 297 0.16 -15.84 -18.98
CA LEU A 297 -0.13 -15.13 -20.22
C LEU A 297 -1.11 -13.98 -19.98
N PHE A 298 -2.03 -14.17 -19.05
CA PHE A 298 -3.00 -13.13 -18.69
C PHE A 298 -2.37 -11.99 -17.90
N GLN A 299 -1.76 -12.32 -16.76
CA GLN A 299 -1.25 -11.32 -15.82
C GLN A 299 -0.15 -10.44 -16.42
N THR A 300 0.72 -11.05 -17.22
CA THR A 300 1.81 -10.33 -17.89
C THR A 300 1.27 -9.36 -18.93
N ALA A 301 0.24 -9.80 -19.67
CA ALA A 301 -0.42 -8.96 -20.67
C ALA A 301 -1.07 -7.75 -20.03
N ARG A 302 -1.71 -7.97 -18.88
CA ARG A 302 -2.33 -6.89 -18.09
C ARG A 302 -1.33 -5.79 -17.74
N LEU A 303 -0.16 -6.20 -17.22
CA LEU A 303 0.89 -5.27 -16.83
C LEU A 303 1.43 -4.45 -18.00
N ILE A 304 1.53 -5.09 -19.17
CA ILE A 304 1.90 -4.41 -20.42
C ILE A 304 0.86 -3.33 -20.75
N LEU A 305 -0.42 -3.70 -20.69
CA LEU A 305 -1.50 -2.76 -20.93
C LEU A 305 -1.54 -1.62 -19.93
N ILE A 306 -1.24 -1.93 -18.66
CA ILE A 306 -1.11 -0.90 -17.62
C ILE A 306 0.02 0.07 -17.97
N GLY A 307 1.16 -0.48 -18.40
CA GLY A 307 2.31 0.31 -18.82
C GLY A 307 2.02 1.18 -20.05
N GLU A 308 1.35 0.58 -21.03
CA GLU A 308 0.96 1.28 -22.25
C GLU A 308 0.06 2.46 -21.91
N THR A 309 -0.91 2.23 -21.03
CA THR A 309 -1.86 3.26 -20.60
C THR A 309 -1.14 4.49 -20.07
N ILE A 310 -0.31 4.30 -19.05
CA ILE A 310 0.44 5.39 -18.42
C ILE A 310 1.34 6.12 -19.43
N LYS A 311 1.94 5.35 -20.34
CA LYS A 311 2.76 5.90 -21.42
C LYS A 311 1.97 6.91 -22.24
N ILE A 312 0.78 6.50 -22.69
CA ILE A 312 -0.06 7.32 -23.54
C ILE A 312 -0.69 8.49 -22.76
N VAL A 313 -1.05 8.23 -21.50
CA VAL A 313 -1.66 9.26 -20.64
C VAL A 313 -0.69 10.42 -20.38
N ILE A 314 0.56 10.10 -20.06
CA ILE A 314 1.57 11.11 -19.80
C ILE A 314 1.98 11.87 -21.07
N GLU A 315 2.35 11.12 -22.11
CA GLU A 315 3.01 11.69 -23.28
C GLU A 315 2.07 12.24 -24.36
N GLU A 316 0.78 11.87 -24.27
CA GLU A 316 -0.19 12.34 -25.28
C GLU A 316 -1.43 13.00 -24.67
N TYR A 317 -1.99 12.37 -23.64
CA TYR A 317 -3.19 12.88 -22.97
C TYR A 317 -2.90 14.17 -22.20
N VAL A 318 -1.93 14.11 -21.29
CA VAL A 318 -1.56 15.27 -20.48
C VAL A 318 -0.85 16.34 -21.32
N GLN A 319 -0.17 15.90 -22.37
CA GLN A 319 0.52 16.82 -23.30
C GLN A 319 -0.47 17.79 -23.96
N GLN A 320 -1.54 17.24 -24.54
CA GLN A 320 -2.59 18.03 -25.18
C GLN A 320 -3.33 18.89 -24.16
N LEU A 321 -3.53 18.34 -22.97
CA LEU A 321 -4.25 19.01 -21.89
C LEU A 321 -3.51 20.26 -21.39
N SER A 322 -2.22 20.12 -21.16
CA SER A 322 -1.39 21.21 -20.64
C SER A 322 -1.05 22.25 -21.70
N GLY A 323 -0.93 21.79 -22.95
CA GLY A 323 -0.51 22.65 -24.07
C GLY A 323 0.94 23.07 -23.96
N TYR A 324 1.70 22.34 -23.14
CA TYR A 324 3.09 22.70 -22.86
C TYR A 324 4.01 22.39 -24.04
N PHE A 325 5.02 23.23 -24.20
CA PHE A 325 5.99 23.08 -25.28
C PHE A 325 7.06 22.08 -24.87
N LEU A 326 7.15 21.81 -23.58
CA LEU A 326 8.02 20.76 -23.04
C LEU A 326 7.43 19.41 -23.43
N GLN A 327 8.19 18.64 -24.21
CA GLN A 327 7.75 17.31 -24.62
C GLN A 327 7.76 16.37 -23.43
N LEU A 328 6.59 16.14 -22.84
CA LEU A 328 6.46 15.28 -21.67
C LEU A 328 6.96 13.88 -21.95
N LYS A 329 7.55 13.27 -20.93
CA LYS A 329 8.22 11.98 -21.08
C LYS A 329 7.82 11.04 -19.96
N PHE A 330 7.45 9.82 -20.32
CA PHE A 330 7.20 8.79 -19.34
C PHE A 330 8.47 7.94 -19.14
N ASP A 331 9.14 8.20 -18.03
CA ASP A 331 10.34 7.45 -17.67
C ASP A 331 10.40 7.31 -16.14
N PRO A 332 10.06 6.13 -15.63
CA PRO A 332 10.09 5.87 -14.19
C PRO A 332 11.49 5.94 -13.61
N GLU A 333 12.50 5.70 -14.45
CA GLU A 333 13.91 5.78 -14.03
C GLU A 333 14.28 7.13 -13.42
N LEU A 334 13.57 8.18 -13.81
CA LEU A 334 13.83 9.55 -13.35
C LEU A 334 13.70 9.70 -11.84
N LEU A 335 12.76 8.98 -11.24
CA LEU A 335 12.48 9.10 -9.81
C LEU A 335 13.22 8.08 -8.94
N PHE A 336 14.15 7.33 -9.53
CA PHE A 336 14.89 6.28 -8.80
C PHE A 336 15.91 6.84 -7.81
N GLY A 337 16.38 8.06 -8.05
CA GLY A 337 17.31 8.71 -7.14
C GLY A 337 16.64 9.63 -6.14
N ALA A 338 15.31 9.59 -6.09
CA ALA A 338 14.53 10.49 -5.24
C ALA A 338 13.65 9.76 -4.24
N GLN A 339 13.20 10.49 -3.22
CA GLN A 339 12.30 9.95 -2.20
C GLN A 339 10.85 10.02 -2.66
N PHE A 340 10.36 8.88 -3.13
CA PHE A 340 9.05 8.78 -3.75
C PHE A 340 8.33 7.53 -3.26
N GLN A 341 7.09 7.69 -2.82
CA GLN A 341 6.27 6.55 -2.40
C GLN A 341 5.53 5.97 -3.60
N TYR A 342 5.75 4.69 -3.86
CA TYR A 342 5.07 4.01 -4.97
C TYR A 342 3.74 3.42 -4.54
N ARG A 343 2.90 4.28 -3.96
CA ARG A 343 1.52 3.96 -3.60
C ARG A 343 0.63 5.17 -3.87
N ASN A 344 -0.68 4.92 -4.01
CA ASN A 344 -1.63 5.99 -4.31
C ASN A 344 -3.03 5.69 -3.81
N ARG A 345 -3.68 6.72 -3.26
CA ARG A 345 -5.10 6.64 -2.92
C ARG A 345 -5.87 7.81 -3.51
N ILE A 346 -7.00 7.48 -4.15
CA ILE A 346 -7.83 8.47 -4.85
C ILE A 346 -8.48 9.43 -3.87
N ALA A 347 -8.33 10.73 -4.14
CA ALA A 347 -8.95 11.76 -3.33
C ALA A 347 -10.31 12.16 -3.88
N MET A 348 -11.19 12.61 -2.99
CA MET A 348 -12.53 13.07 -3.35
C MET A 348 -12.50 14.39 -4.13
N GLU A 349 -11.49 15.22 -3.82
CA GLU A 349 -11.33 16.51 -4.49
C GLU A 349 -10.94 16.30 -5.95
N PHE A 350 -10.17 15.25 -6.21
CA PHE A 350 -9.81 14.85 -7.56
C PHE A 350 -11.04 14.31 -8.29
N ASN A 351 -11.86 13.55 -7.55
CA ASN A 351 -13.14 13.05 -8.03
C ASN A 351 -14.07 14.19 -8.45
N GLN A 352 -14.08 15.26 -7.64
CA GLN A 352 -14.86 16.47 -7.91
C GLN A 352 -14.26 17.26 -9.07
N LEU A 353 -12.93 17.34 -9.09
CA LEU A 353 -12.18 18.14 -10.05
C LEU A 353 -12.31 17.65 -11.49
N TYR A 354 -12.45 16.33 -11.64
CA TYR A 354 -12.38 15.69 -12.95
C TYR A 354 -13.72 15.66 -13.70
N HIS A 355 -14.72 16.38 -13.17
CA HIS A 355 -16.03 16.45 -13.81
C HIS A 355 -16.00 17.43 -14.99
N TRP A 356 -15.41 16.97 -16.09
CA TRP A 356 -15.21 17.82 -17.27
C TRP A 356 -16.34 17.65 -18.29
N HIS A 357 -17.56 17.88 -17.83
CA HIS A 357 -18.76 17.76 -18.68
C HIS A 357 -18.89 18.84 -19.75
N PRO A 358 -18.27 20.03 -19.55
CA PRO A 358 -18.25 21.03 -20.62
C PRO A 358 -17.55 20.55 -21.89
N LEU A 359 -16.83 19.44 -21.81
CA LEU A 359 -16.19 18.82 -22.99
C LEU A 359 -17.23 18.29 -23.98
N MET A 360 -18.35 17.81 -23.46
CA MET A 360 -19.41 17.21 -24.27
C MET A 360 -20.15 18.24 -25.12
N PRO A 361 -20.42 17.91 -26.40
CA PRO A 361 -20.95 18.87 -27.36
C PRO A 361 -22.49 18.94 -27.36
N ASP A 362 -23.04 19.63 -28.35
CA ASP A 362 -24.49 19.73 -28.51
C ASP A 362 -25.04 18.47 -29.19
N SER A 363 -24.29 17.96 -30.15
CA SER A 363 -24.64 16.73 -30.87
C SER A 363 -23.37 15.92 -31.18
N PHE A 364 -23.52 14.84 -31.93
CA PHE A 364 -22.39 13.97 -32.26
C PHE A 364 -22.36 13.68 -33.76
N ARG A 365 -21.37 14.22 -34.45
CA ARG A 365 -21.26 14.07 -35.90
C ARG A 365 -20.45 12.83 -36.28
N VAL A 366 -21.10 11.95 -37.05
CA VAL A 366 -20.44 10.76 -37.62
C VAL A 366 -20.62 10.78 -39.13
N GLY A 367 -19.65 11.35 -39.83
CA GLY A 367 -19.71 11.51 -41.28
C GLY A 367 -20.75 12.53 -41.70
N PRO A 368 -21.60 12.17 -42.68
CA PRO A 368 -22.69 13.07 -43.10
C PRO A 368 -23.82 13.15 -42.07
N GLN A 369 -23.83 12.23 -41.10
CA GLN A 369 -24.85 12.16 -40.07
C GLN A 369 -24.55 13.06 -38.86
N ASP A 370 -25.61 13.43 -38.14
CA ASP A 370 -25.51 14.21 -36.91
C ASP A 370 -26.45 13.64 -35.85
N TYR A 371 -25.89 12.94 -34.86
CA TYR A 371 -26.67 12.26 -33.82
C TYR A 371 -26.80 13.09 -32.55
N SER A 372 -28.03 13.25 -32.09
CA SER A 372 -28.33 13.99 -30.87
C SER A 372 -28.10 13.11 -29.64
N TYR A 373 -28.29 13.69 -28.46
CA TYR A 373 -28.16 12.95 -27.19
C TYR A 373 -29.15 11.80 -27.09
N GLU A 374 -30.36 12.02 -27.58
CA GLU A 374 -31.43 11.03 -27.54
C GLU A 374 -31.30 9.96 -28.64
N GLN A 375 -30.25 10.08 -29.46
CA GLN A 375 -29.90 9.07 -30.45
C GLN A 375 -28.59 8.37 -30.08
N PHE A 376 -27.70 9.10 -29.40
CA PHE A 376 -26.37 8.61 -29.04
C PHE A 376 -26.36 7.84 -27.72
N LEU A 377 -27.07 8.36 -26.73
CA LEU A 377 -27.15 7.71 -25.41
C LEU A 377 -27.86 6.37 -25.45
N PHE A 378 -27.27 5.39 -24.78
CA PHE A 378 -27.80 4.02 -24.65
C PHE A 378 -27.94 3.27 -25.98
N ASN A 379 -27.39 3.84 -27.04
CA ASN A 379 -27.40 3.21 -28.36
C ASN A 379 -26.46 2.01 -28.40
N THR A 380 -27.01 0.84 -28.69
CA THR A 380 -26.27 -0.42 -28.65
C THR A 380 -25.73 -0.85 -30.01
N SER A 381 -26.45 -0.48 -31.08
CA SER A 381 -26.10 -0.91 -32.44
C SER A 381 -24.98 -0.07 -33.06
N MET A 382 -24.97 1.23 -32.76
CA MET A 382 -24.05 2.19 -33.40
C MET A 382 -22.61 1.71 -33.54
N LEU A 383 -22.01 1.28 -32.42
CA LEU A 383 -20.62 0.83 -32.42
C LEU A 383 -20.36 -0.28 -33.43
N VAL A 384 -21.29 -1.24 -33.49
CA VAL A 384 -21.19 -2.36 -34.42
C VAL A 384 -21.59 -1.93 -35.83
N ASP A 385 -22.52 -0.99 -35.91
CA ASP A 385 -23.01 -0.47 -37.20
C ASP A 385 -21.91 0.22 -38.00
N TYR A 386 -21.27 1.21 -37.40
CA TYR A 386 -20.20 1.98 -38.06
C TYR A 386 -18.85 1.30 -38.02
N GLY A 387 -18.54 0.65 -36.89
CA GLY A 387 -17.24 0.01 -36.70
C GLY A 387 -16.29 0.91 -35.94
N VAL A 388 -15.15 0.34 -35.53
CA VAL A 388 -14.15 1.06 -34.75
C VAL A 388 -13.48 2.18 -35.57
N GLU A 389 -13.01 1.83 -36.77
CA GLU A 389 -12.35 2.77 -37.67
C GLU A 389 -13.17 4.03 -37.95
N ALA A 390 -14.44 3.83 -38.30
CA ALA A 390 -15.33 4.93 -38.70
C ALA A 390 -15.72 5.84 -37.54
N LEU A 391 -15.76 5.30 -36.32
CA LEU A 391 -16.12 6.08 -35.14
C LEU A 391 -14.93 6.85 -34.56
N VAL A 392 -13.78 6.21 -34.50
CA VAL A 392 -12.55 6.85 -34.05
C VAL A 392 -12.22 8.06 -34.93
N ASP A 393 -12.40 7.89 -36.23
CA ASP A 393 -12.18 8.97 -37.20
C ASP A 393 -13.08 10.16 -36.90
N ALA A 394 -14.33 9.89 -36.55
CA ALA A 394 -15.32 10.93 -36.29
C ALA A 394 -15.09 11.65 -34.97
N PHE A 395 -14.64 10.91 -33.95
CA PHE A 395 -14.38 11.50 -32.64
C PHE A 395 -13.09 12.32 -32.63
N SER A 396 -12.12 11.92 -33.46
CA SER A 396 -10.87 12.65 -33.59
C SER A 396 -11.03 13.94 -34.41
N ARG A 397 -12.16 14.08 -35.10
CA ARG A 397 -12.43 15.25 -35.94
C ARG A 397 -13.33 16.28 -35.26
N GLN A 398 -14.26 15.82 -34.44
CA GLN A 398 -15.20 16.71 -33.76
C GLN A 398 -14.56 17.39 -32.55
N PRO A 399 -14.64 18.73 -32.48
CA PRO A 399 -14.07 19.49 -31.36
C PRO A 399 -14.86 19.33 -30.05
N ALA A 400 -14.13 19.32 -28.94
CA ALA A 400 -14.71 19.29 -27.60
C ALA A 400 -14.85 20.72 -27.08
N GLY A 401 -15.67 20.89 -26.04
CA GLY A 401 -15.91 22.21 -25.46
C GLY A 401 -14.81 22.67 -24.52
N ARG A 402 -14.89 23.94 -24.13
CA ARG A 402 -13.95 24.52 -23.16
C ARG A 402 -14.43 24.22 -21.74
N ILE A 403 -13.55 23.63 -20.93
CA ILE A 403 -13.90 23.23 -19.56
C ILE A 403 -14.10 24.45 -18.65
N GLY A 404 -13.07 25.28 -18.54
CA GLY A 404 -13.14 26.50 -17.74
C GLY A 404 -13.84 27.62 -18.47
N GLY A 405 -14.12 28.71 -17.75
CA GLY A 405 -14.80 29.86 -18.33
C GLY A 405 -16.23 30.00 -17.88
N GLY A 406 -16.87 28.87 -17.57
CA GLY A 406 -18.25 28.83 -17.10
C GLY A 406 -19.27 28.83 -18.23
N ARG A 407 -20.50 28.47 -17.89
CA ARG A 407 -21.63 28.41 -18.83
C ARG A 407 -21.30 27.63 -20.10
N ASN A 408 -20.83 26.39 -19.95
CA ASN A 408 -20.45 25.57 -21.11
C ASN A 408 -20.90 24.10 -21.03
N ILE A 409 -21.77 23.79 -20.08
CA ILE A 409 -22.34 22.44 -19.97
C ILE A 409 -23.69 22.36 -20.67
N ASP A 410 -23.78 21.46 -21.66
CA ASP A 410 -25.01 21.21 -22.41
C ASP A 410 -26.16 20.85 -21.48
N HIS A 411 -27.35 21.34 -21.80
CA HIS A 411 -28.53 21.23 -20.92
C HIS A 411 -28.88 19.79 -20.51
N HIS A 412 -28.55 18.82 -21.37
CA HIS A 412 -28.85 17.41 -21.12
C HIS A 412 -28.20 16.90 -19.83
N ILE A 413 -26.89 17.04 -19.74
CA ILE A 413 -26.10 16.48 -18.63
C ILE A 413 -25.74 17.51 -17.56
N LEU A 414 -26.55 18.56 -17.45
CA LEU A 414 -26.35 19.58 -16.42
C LEU A 414 -26.68 19.07 -15.02
N HIS A 415 -27.59 18.08 -14.97
CA HIS A 415 -28.00 17.47 -13.71
C HIS A 415 -26.82 16.88 -12.94
N VAL A 416 -25.79 16.47 -13.68
CA VAL A 416 -24.57 15.89 -13.11
C VAL A 416 -23.83 16.91 -12.25
N ALA A 417 -23.64 18.11 -12.80
CA ALA A 417 -22.95 19.20 -12.11
C ALA A 417 -23.71 19.66 -10.88
N VAL A 418 -25.04 19.59 -10.93
CA VAL A 418 -25.91 19.91 -9.80
C VAL A 418 -25.63 18.94 -8.65
N ASP A 419 -25.53 17.66 -8.98
CA ASP A 419 -25.22 16.62 -8.00
C ASP A 419 -23.83 16.80 -7.39
N VAL A 420 -22.85 17.15 -8.21
CA VAL A 420 -21.47 17.37 -7.76
C VAL A 420 -21.39 18.42 -6.64
N ILE A 421 -22.15 19.50 -6.78
CA ILE A 421 -22.20 20.57 -5.77
C ILE A 421 -22.94 20.10 -4.52
N LYS A 422 -24.00 19.31 -4.72
CA LYS A 422 -24.77 18.70 -3.63
C LYS A 422 -23.91 17.69 -2.87
N GLU A 423 -23.16 16.89 -3.62
CA GLU A 423 -22.25 15.88 -3.06
C GLU A 423 -21.14 16.56 -2.28
N SER A 424 -20.68 17.70 -2.79
CA SER A 424 -19.64 18.50 -2.16
C SER A 424 -20.03 18.94 -0.75
N ARG A 425 -21.31 19.27 -0.58
CA ARG A 425 -21.83 19.73 0.71
C ARG A 425 -22.08 18.59 1.69
N VAL A 426 -22.34 17.39 1.14
CA VAL A 426 -22.44 16.16 1.94
C VAL A 426 -21.04 15.77 2.44
N LEU A 427 -20.06 15.91 1.55
CA LEU A 427 -18.66 15.64 1.87
C LEU A 427 -18.05 16.73 2.76
N ARG A 428 -18.69 17.90 2.78
CA ARG A 428 -18.25 19.06 3.56
C ARG A 428 -16.86 19.55 3.15
N LEU A 429 -16.67 19.75 1.84
CA LEU A 429 -15.42 20.31 1.32
C LEU A 429 -15.19 21.74 1.78
N GLN A 430 -13.92 22.07 2.04
CA GLN A 430 -13.53 23.42 2.47
C GLN A 430 -13.66 24.43 1.33
N PRO A 431 -13.66 25.74 1.65
CA PRO A 431 -13.79 26.75 0.61
C PRO A 431 -12.66 26.74 -0.41
N PHE A 432 -12.98 27.24 -1.60
CA PHE A 432 -12.04 27.32 -2.73
C PHE A 432 -10.68 27.91 -2.33
N ASN A 433 -10.71 29.00 -1.56
CA ASN A 433 -9.51 29.72 -1.14
C ASN A 433 -8.57 28.93 -0.23
N GLU A 434 -9.13 28.01 0.55
CA GLU A 434 -8.33 27.15 1.42
C GLU A 434 -7.58 26.09 0.64
N TYR A 435 -8.18 25.65 -0.47
CA TYR A 435 -7.52 24.74 -1.40
C TYR A 435 -6.48 25.46 -2.26
N ARG A 436 -6.70 26.76 -2.49
CA ARG A 436 -5.72 27.60 -3.15
C ARG A 436 -4.46 27.73 -2.30
N LYS A 437 -4.65 27.92 -1.00
CA LYS A 437 -3.53 28.05 -0.06
C LYS A 437 -2.81 26.72 0.16
N ARG A 438 -3.55 25.62 0.02
CA ARG A 438 -2.98 24.28 0.15
C ARG A 438 -2.07 23.94 -1.02
N PHE A 439 -2.42 24.42 -2.22
CA PHE A 439 -1.64 24.13 -3.43
C PHE A 439 -0.71 25.28 -3.86
N GLY A 440 -0.24 26.05 -2.88
CA GLY A 440 0.80 27.06 -3.09
C GLY A 440 0.39 28.25 -3.95
N MET A 441 -0.90 28.53 -3.98
CA MET A 441 -1.42 29.71 -4.69
C MET A 441 -1.88 30.75 -3.69
N LYS A 442 -2.02 31.99 -4.17
CA LYS A 442 -2.62 33.05 -3.37
C LYS A 442 -4.15 32.95 -3.44
N PRO A 443 -4.83 33.12 -2.30
CA PRO A 443 -6.30 33.16 -2.29
C PRO A 443 -6.85 34.38 -3.02
N TYR A 444 -8.03 34.23 -3.61
CA TYR A 444 -8.69 35.33 -4.32
C TYR A 444 -9.25 36.35 -3.34
N THR A 445 -8.89 37.61 -3.56
CA THR A 445 -9.32 38.72 -2.70
C THR A 445 -10.71 39.24 -3.06
N SER A 446 -11.11 39.02 -4.32
CA SER A 446 -12.42 39.46 -4.80
C SER A 446 -13.00 38.46 -5.81
N PHE A 447 -14.31 38.58 -6.06
CA PHE A 447 -14.99 37.76 -7.07
C PHE A 447 -14.57 38.16 -8.48
N GLN A 448 -14.19 39.43 -8.64
CA GLN A 448 -13.67 39.97 -9.90
C GLN A 448 -12.41 39.22 -10.35
N GLU A 449 -11.48 39.02 -9.42
CA GLU A 449 -10.20 38.38 -9.71
C GLU A 449 -10.33 36.90 -10.10
N LEU A 450 -11.38 36.24 -9.62
CA LEU A 450 -11.63 34.85 -9.96
C LEU A 450 -11.99 34.67 -11.43
N THR A 451 -13.05 35.34 -11.88
CA THR A 451 -13.61 35.17 -13.22
C THR A 451 -12.91 36.03 -14.28
N GLY A 452 -12.30 37.12 -13.83
CA GLY A 452 -11.62 38.06 -14.72
C GLY A 452 -12.57 38.94 -15.51
N GLU A 453 -13.81 39.06 -15.03
CA GLU A 453 -14.82 39.89 -15.69
C GLU A 453 -15.74 40.58 -14.67
N LYS A 454 -16.66 41.41 -15.16
CA LYS A 454 -17.48 42.25 -14.29
C LYS A 454 -18.86 41.67 -13.95
N GLU A 455 -19.57 41.18 -14.97
CA GLU A 455 -20.98 40.79 -14.81
C GLU A 455 -21.22 39.57 -13.91
N MET A 456 -20.79 38.39 -14.36
CA MET A 456 -21.02 37.14 -13.63
C MET A 456 -20.38 37.11 -12.23
N ALA A 457 -19.33 37.89 -12.05
CA ALA A 457 -18.63 37.98 -10.77
C ALA A 457 -19.44 38.75 -9.72
N ALA A 458 -20.05 39.85 -10.14
CA ALA A 458 -20.87 40.70 -9.28
C ALA A 458 -22.13 39.99 -8.78
N GLU A 459 -22.63 39.06 -9.59
CA GLU A 459 -23.80 38.25 -9.26
C GLU A 459 -23.47 37.23 -8.17
N LEU A 460 -22.26 36.68 -8.22
CA LEU A 460 -21.79 35.69 -7.25
C LEU A 460 -21.52 36.30 -5.88
N GLU A 461 -21.08 37.55 -5.88
CA GLU A 461 -20.85 38.32 -4.66
C GLU A 461 -22.15 38.45 -3.87
N GLU A 462 -23.25 38.61 -4.59
CA GLU A 462 -24.58 38.76 -4.01
C GLU A 462 -25.10 37.43 -3.44
N LEU A 463 -24.70 36.32 -4.07
CA LEU A 463 -25.17 35.00 -3.69
C LEU A 463 -24.36 34.34 -2.58
N TYR A 464 -23.05 34.55 -2.60
CA TYR A 464 -22.14 33.93 -1.62
C TYR A 464 -21.87 34.80 -0.40
N GLY A 465 -21.82 36.12 -0.61
CA GLY A 465 -21.58 37.08 0.48
C GLY A 465 -20.11 37.44 0.67
N ASP A 466 -19.28 36.41 0.77
CA ASP A 466 -17.84 36.58 0.97
C ASP A 466 -17.09 35.65 0.01
N ILE A 467 -15.93 36.11 -0.48
CA ILE A 467 -15.09 35.33 -1.39
C ILE A 467 -14.51 34.06 -0.73
N ASP A 468 -14.22 34.16 0.56
CA ASP A 468 -13.69 33.03 1.33
C ASP A 468 -14.76 31.98 1.61
N ALA A 469 -15.90 32.12 0.95
CA ALA A 469 -17.03 31.18 1.08
C ALA A 469 -17.36 30.51 -0.26
N LEU A 470 -16.64 30.89 -1.31
CA LEU A 470 -16.81 30.29 -2.63
C LEU A 470 -16.47 28.80 -2.61
N GLU A 471 -17.33 28.00 -3.22
CA GLU A 471 -17.22 26.54 -3.16
C GLU A 471 -16.19 25.98 -4.14
N PHE A 472 -15.73 24.76 -3.85
CA PHE A 472 -14.64 24.10 -4.57
C PHE A 472 -14.88 23.94 -6.07
N TYR A 473 -15.97 23.26 -6.44
CA TYR A 473 -16.27 22.96 -7.84
C TYR A 473 -16.70 24.17 -8.67
N PRO A 474 -17.56 25.05 -8.10
CA PRO A 474 -17.90 26.28 -8.82
C PRO A 474 -16.66 27.12 -9.13
N GLY A 475 -15.85 27.41 -8.11
CA GLY A 475 -14.63 28.18 -8.27
C GLY A 475 -13.73 27.68 -9.38
N LEU A 476 -13.57 26.35 -9.46
CA LEU A 476 -12.76 25.71 -10.49
C LEU A 476 -13.29 25.99 -11.90
N LEU A 477 -14.61 25.88 -12.07
CA LEU A 477 -15.22 26.05 -13.38
C LEU A 477 -15.48 27.50 -13.77
N LEU A 478 -15.60 28.37 -12.77
CA LEU A 478 -15.88 29.78 -12.99
C LEU A 478 -14.62 30.62 -13.18
N GLU A 479 -13.47 30.06 -12.80
CA GLU A 479 -12.18 30.73 -12.94
C GLU A 479 -11.86 31.00 -14.40
N LYS A 480 -11.35 32.19 -14.69
CA LYS A 480 -10.85 32.54 -16.02
C LYS A 480 -9.77 31.57 -16.48
N CYS A 481 -9.80 31.21 -17.76
CA CYS A 481 -8.80 30.31 -18.32
C CYS A 481 -7.48 31.03 -18.57
N HIS A 482 -6.43 30.25 -18.82
CA HIS A 482 -5.18 30.80 -19.32
C HIS A 482 -5.36 31.27 -20.76
N PRO A 483 -4.55 32.25 -21.21
CA PRO A 483 -4.54 32.67 -22.60
C PRO A 483 -4.70 31.49 -23.56
N ASN A 484 -5.88 31.40 -24.19
CA ASN A 484 -6.21 30.35 -25.16
C ASN A 484 -6.05 28.93 -24.62
N SER A 485 -6.64 28.68 -23.44
CA SER A 485 -6.53 27.37 -22.79
C SER A 485 -7.88 26.77 -22.41
N ILE A 486 -7.86 25.51 -22.01
CA ILE A 486 -9.08 24.73 -21.76
C ILE A 486 -9.69 24.99 -20.36
N PHE A 487 -8.86 25.42 -19.42
CA PHE A 487 -9.32 25.82 -18.09
C PHE A 487 -8.36 26.79 -17.38
N GLY A 488 -8.68 27.14 -16.14
CA GLY A 488 -7.89 28.10 -15.38
C GLY A 488 -6.70 27.52 -14.65
N GLU A 489 -6.01 28.38 -13.89
CA GLU A 489 -4.82 27.95 -13.15
CA GLU A 489 -4.84 28.00 -13.08
C GLU A 489 -5.13 26.86 -12.13
N SER A 490 -6.24 27.00 -11.40
CA SER A 490 -6.60 26.06 -10.34
C SER A 490 -6.73 24.62 -10.79
N MET A 491 -7.25 24.41 -12.00
CA MET A 491 -7.40 23.07 -12.53
C MET A 491 -6.04 22.40 -12.78
N ILE A 492 -5.06 23.20 -13.19
CA ILE A 492 -3.70 22.70 -13.43
C ILE A 492 -2.95 22.53 -12.12
N GLU A 493 -2.95 23.58 -11.29
CA GLU A 493 -2.18 23.62 -10.04
C GLU A 493 -2.67 22.62 -9.00
N MET A 494 -3.93 22.22 -9.08
CA MET A 494 -4.51 21.27 -8.14
C MET A 494 -4.62 19.87 -8.72
N GLY A 495 -4.96 19.79 -10.01
CA GLY A 495 -5.18 18.51 -10.68
C GLY A 495 -3.91 17.72 -10.94
N ALA A 496 -2.87 18.41 -11.38
CA ALA A 496 -1.59 17.79 -11.71
C ALA A 496 -0.96 17.02 -10.54
N PRO A 497 -0.93 17.62 -9.32
CA PRO A 497 -0.46 16.89 -8.15
C PRO A 497 -1.15 15.54 -7.97
N PHE A 498 -2.48 15.51 -8.07
CA PHE A 498 -3.22 14.26 -7.99
C PHE A 498 -2.88 13.35 -9.16
N SER A 499 -2.84 13.93 -10.35
CA SER A 499 -2.70 13.19 -11.60
C SER A 499 -1.35 12.47 -11.70
N LEU A 500 -0.27 13.24 -11.63
CA LEU A 500 1.09 12.70 -11.80
C LEU A 500 1.46 11.72 -10.69
N LYS A 501 0.99 12.00 -9.48
CA LYS A 501 1.17 11.10 -8.33
C LYS A 501 0.49 9.75 -8.59
N GLY A 502 -0.67 9.81 -9.23
CA GLY A 502 -1.43 8.61 -9.60
C GLY A 502 -0.75 7.80 -10.68
N LEU A 503 -0.17 8.47 -11.67
CA LEU A 503 0.51 7.79 -12.78
C LEU A 503 1.81 7.13 -12.33
N LEU A 504 2.73 7.93 -11.79
CA LEU A 504 4.04 7.45 -11.36
C LEU A 504 3.98 6.69 -10.03
N GLY A 505 2.85 6.79 -9.33
CA GLY A 505 2.65 6.06 -8.08
C GLY A 505 2.37 4.58 -8.27
N ASN A 506 1.87 4.23 -9.45
CA ASN A 506 1.65 2.84 -9.85
C ASN A 506 2.88 1.97 -9.57
N PRO A 507 2.68 0.79 -8.95
CA PRO A 507 3.78 -0.10 -8.57
C PRO A 507 4.71 -0.51 -9.72
N ILE A 508 4.19 -0.53 -10.93
CA ILE A 508 5.00 -0.86 -12.11
C ILE A 508 6.12 0.15 -12.36
N CYS A 509 5.97 1.36 -11.80
CA CYS A 509 6.95 2.43 -11.93
C CYS A 509 8.08 2.33 -10.90
N SER A 510 7.92 1.43 -9.93
CA SER A 510 8.93 1.22 -8.89
C SER A 510 10.16 0.51 -9.45
N PRO A 511 11.33 0.67 -8.79
CA PRO A 511 12.55 -0.04 -9.19
C PRO A 511 12.34 -1.57 -9.20
N GLU A 512 11.53 -2.07 -8.28
CA GLU A 512 11.28 -3.51 -8.16
C GLU A 512 10.53 -4.07 -9.36
N TYR A 513 9.60 -3.29 -9.90
CA TYR A 513 8.73 -3.76 -10.98
C TYR A 513 9.21 -3.38 -12.39
N TRP A 514 9.90 -2.24 -12.50
CA TRP A 514 10.31 -1.72 -13.81
C TRP A 514 11.49 -2.48 -14.43
N LYS A 515 11.24 -3.76 -14.73
CA LYS A 515 12.24 -4.65 -15.33
C LYS A 515 11.64 -5.32 -16.57
N ALA A 516 12.51 -5.81 -17.45
CA ALA A 516 12.09 -6.46 -18.70
C ALA A 516 11.35 -7.78 -18.44
N SER A 517 11.75 -8.50 -17.38
CA SER A 517 11.14 -9.78 -17.01
C SER A 517 9.67 -9.64 -16.60
N THR A 518 9.32 -8.47 -16.06
CA THR A 518 7.96 -8.17 -15.61
C THR A 518 6.97 -8.24 -16.75
N PHE A 519 7.43 -7.86 -17.94
CA PHE A 519 6.59 -7.77 -19.12
C PHE A 519 6.91 -8.88 -20.12
N GLY A 520 7.57 -9.93 -19.64
CA GLY A 520 7.92 -11.08 -20.47
C GLY A 520 8.97 -10.75 -21.52
N GLY A 521 10.17 -10.40 -21.06
CA GLY A 521 11.28 -10.10 -21.95
C GLY A 521 11.23 -8.73 -22.57
N GLU A 522 12.14 -8.49 -23.52
CA GLU A 522 12.30 -7.18 -24.14
C GLU A 522 11.10 -6.75 -24.98
N VAL A 523 10.43 -7.73 -25.61
CA VAL A 523 9.28 -7.46 -26.47
C VAL A 523 8.16 -6.73 -25.73
N GLY A 524 7.80 -7.25 -24.56
CA GLY A 524 6.76 -6.64 -23.74
C GLY A 524 7.17 -5.29 -23.18
N PHE A 525 8.46 -5.10 -22.97
CA PHE A 525 9.00 -3.86 -22.43
C PHE A 525 8.96 -2.73 -23.46
N ASN A 526 9.30 -3.06 -24.70
CA ASN A 526 9.21 -2.11 -25.83
C ASN A 526 7.77 -1.72 -26.14
N LEU A 527 6.84 -2.65 -25.90
CA LEU A 527 5.41 -2.40 -26.05
C LEU A 527 4.95 -1.25 -25.16
N VAL A 528 5.48 -1.19 -23.94
CA VAL A 528 5.20 -0.09 -23.02
C VAL A 528 5.91 1.18 -23.49
N LYS A 529 7.20 1.06 -23.76
CA LYS A 529 8.06 2.20 -24.09
C LYS A 529 7.69 2.94 -25.38
N THR A 530 7.12 2.23 -26.35
CA THR A 530 6.81 2.81 -27.67
C THR A 530 5.31 2.93 -27.96
N ALA A 531 4.48 2.72 -26.95
CA ALA A 531 3.03 2.80 -27.10
C ALA A 531 2.57 4.20 -27.47
N THR A 532 1.57 4.26 -28.34
CA THR A 532 0.98 5.52 -28.80
C THR A 532 -0.49 5.27 -29.02
N LEU A 533 -1.29 6.34 -29.06
CA LEU A 533 -2.72 6.23 -29.35
C LEU A 533 -2.91 5.65 -30.75
N LYS A 534 -2.19 6.23 -31.71
CA LYS A 534 -2.18 5.78 -33.11
C LYS A 534 -1.87 4.29 -33.23
N LYS A 535 -0.91 3.81 -32.45
CA LYS A 535 -0.52 2.40 -32.45
C LYS A 535 -1.56 1.51 -31.78
N LEU A 536 -2.29 2.06 -30.81
CA LEU A 536 -3.28 1.30 -30.05
C LEU A 536 -4.50 0.95 -30.91
N VAL A 537 -4.84 1.83 -31.84
CA VAL A 537 -6.01 1.65 -32.69
C VAL A 537 -5.67 0.86 -33.95
N CYS A 538 -4.67 1.34 -34.70
CA CYS A 538 -4.39 0.84 -36.05
C CYS A 538 -3.76 -0.56 -36.09
N LEU A 539 -3.06 -0.94 -35.02
CA LEU A 539 -2.53 -2.30 -34.89
C LEU A 539 -3.62 -3.30 -34.49
N ASN A 540 -4.84 -2.80 -34.29
CA ASN A 540 -5.99 -3.62 -33.93
C ASN A 540 -7.16 -3.47 -34.92
N THR A 541 -7.00 -2.61 -35.92
CA THR A 541 -8.04 -2.36 -36.92
C THR A 541 -7.59 -2.72 -38.34
N LYS A 542 -8.55 -2.94 -39.23
CA LYS A 542 -8.26 -3.30 -40.63
C LYS A 542 -7.55 -2.17 -41.37
N THR A 543 -8.18 -0.99 -41.39
CA THR A 543 -7.56 0.21 -41.96
C THR A 543 -7.17 1.17 -40.84
N CYS A 544 -6.35 2.17 -41.18
CA CYS A 544 -5.87 3.14 -40.20
C CYS A 544 -6.48 4.52 -40.46
N PRO A 545 -7.47 4.91 -39.62
CA PRO A 545 -8.16 6.19 -39.76
C PRO A 545 -7.39 7.33 -39.10
N TYR A 546 -7.97 8.53 -39.06
CA TYR A 546 -7.38 9.63 -38.31
C TYR A 546 -7.64 9.45 -36.82
N VAL A 547 -6.56 9.39 -36.05
CA VAL A 547 -6.63 9.17 -34.61
C VAL A 547 -5.68 10.11 -33.88
N SER A 548 -6.23 10.91 -32.98
CA SER A 548 -5.48 11.91 -32.22
C SER A 548 -6.33 12.51 -31.11
N PHE A 549 -5.69 13.16 -30.15
CA PHE A 549 -6.39 13.89 -29.11
C PHE A 549 -6.70 15.33 -29.54
N HIS A 550 -6.25 15.70 -30.73
CA HIS A 550 -6.51 17.03 -31.28
C HIS A 550 -7.17 16.96 -32.66
N VAL A 551 -7.95 17.98 -32.97
CA VAL A 551 -8.63 18.10 -34.27
C VAL A 551 -7.64 18.34 -35.41
N PRO A 552 -7.88 17.74 -36.59
CA PRO A 552 -6.96 17.91 -37.71
C PRO A 552 -7.09 19.29 -38.36
N ASP A 553 -6.03 20.11 -38.20
CA ASP A 553 -6.01 21.45 -38.82
C ASP A 553 -4.57 21.89 -39.08
N PRO B 1 11.61 -32.96 -21.85
CA PRO B 1 12.41 -31.74 -21.66
C PRO B 1 12.56 -31.36 -20.19
N VAL B 2 13.74 -30.85 -19.83
CA VAL B 2 14.01 -30.40 -18.46
C VAL B 2 13.94 -28.88 -18.36
N ASN B 3 13.28 -28.38 -17.32
CA ASN B 3 13.16 -26.95 -17.08
C ASN B 3 14.48 -26.38 -16.56
N PRO B 4 15.06 -25.41 -17.31
CA PRO B 4 16.36 -24.82 -16.95
C PRO B 4 16.33 -24.00 -15.66
N CYS B 5 15.16 -23.46 -15.31
CA CYS B 5 15.01 -22.65 -14.10
C CYS B 5 15.07 -23.48 -12.81
N CYS B 6 15.01 -24.81 -12.94
CA CYS B 6 15.17 -25.72 -11.81
C CYS B 6 16.62 -25.71 -11.31
N TYR B 7 17.54 -25.40 -12.21
CA TYR B 7 18.97 -25.35 -11.89
C TYR B 7 19.35 -24.08 -11.12
N TYR B 8 18.36 -23.23 -10.87
CA TYR B 8 18.56 -21.89 -10.30
C TYR B 8 19.80 -21.20 -10.90
N PRO B 9 19.78 -20.97 -12.23
CA PRO B 9 20.98 -20.49 -12.91
C PRO B 9 21.30 -19.03 -12.65
N CYS B 10 20.27 -18.21 -12.42
CA CYS B 10 20.43 -16.78 -12.23
C CYS B 10 20.84 -16.45 -10.79
N GLN B 11 22.08 -16.01 -10.63
CA GLN B 11 22.64 -15.69 -9.33
C GLN B 11 22.40 -14.23 -8.96
N HIS B 12 22.53 -13.91 -7.68
CA HIS B 12 22.45 -12.55 -7.17
C HIS B 12 21.15 -11.82 -7.53
N GLN B 13 20.02 -12.46 -7.22
CA GLN B 13 18.67 -11.90 -7.42
C GLN B 13 18.26 -11.75 -8.90
N GLY B 14 18.89 -12.54 -9.77
CA GLY B 14 18.51 -12.58 -11.19
C GLY B 14 17.23 -13.36 -11.40
N ILE B 15 16.39 -12.89 -12.32
CA ILE B 15 15.07 -13.48 -12.56
C ILE B 15 15.07 -14.43 -13.76
N CYS B 16 14.82 -15.71 -13.49
CA CYS B 16 14.79 -16.75 -14.53
C CYS B 16 13.47 -16.69 -15.30
N VAL B 17 13.58 -16.47 -16.62
CA VAL B 17 12.40 -16.43 -17.48
C VAL B 17 12.57 -17.46 -18.60
N ARG B 18 11.54 -18.27 -18.78
CA ARG B 18 11.55 -19.37 -19.73
C ARG B 18 11.14 -18.92 -21.13
N PHE B 19 12.11 -18.84 -22.04
CA PHE B 19 11.87 -18.50 -23.44
C PHE B 19 11.91 -19.75 -24.31
N GLY B 20 10.99 -19.84 -25.27
CA GLY B 20 10.96 -20.96 -26.22
C GLY B 20 10.70 -22.31 -25.56
N LEU B 21 11.31 -23.35 -26.12
CA LEU B 21 11.09 -24.74 -25.67
C LEU B 21 11.89 -25.14 -24.43
N ASP B 22 13.21 -24.96 -24.47
CA ASP B 22 14.08 -25.33 -23.34
C ASP B 22 15.20 -24.31 -23.10
N ARG B 23 14.91 -23.04 -23.37
CA ARG B 23 15.87 -21.96 -23.18
C ARG B 23 15.49 -21.07 -22.02
N TYR B 24 16.49 -20.43 -21.43
CA TYR B 24 16.28 -19.53 -20.28
C TYR B 24 17.04 -18.22 -20.45
N GLN B 25 16.55 -17.18 -19.79
CA GLN B 25 17.23 -15.89 -19.77
C GLN B 25 17.16 -15.27 -18.39
N CYS B 26 18.30 -14.78 -17.91
CA CYS B 26 18.37 -14.11 -16.62
C CYS B 26 18.19 -12.62 -16.79
N ASP B 27 17.29 -12.04 -16.01
CA ASP B 27 17.05 -10.61 -16.03
C ASP B 27 17.92 -9.90 -14.99
N CYS B 28 19.16 -9.62 -15.39
CA CYS B 28 20.12 -8.97 -14.51
C CYS B 28 19.93 -7.45 -14.56
N THR B 29 18.93 -6.98 -13.82
CA THR B 29 18.59 -5.55 -13.81
C THR B 29 18.69 -5.03 -12.38
N ARG B 30 19.47 -3.95 -12.21
CA ARG B 30 19.74 -3.34 -10.91
C ARG B 30 20.16 -4.36 -9.83
N THR B 31 20.87 -5.39 -10.26
CA THR B 31 21.41 -6.41 -9.37
C THR B 31 22.90 -6.16 -9.11
N GLY B 32 23.49 -5.32 -9.96
CA GLY B 32 24.92 -5.00 -9.89
C GLY B 32 25.75 -5.97 -10.71
N TYR B 33 25.06 -6.83 -11.46
CA TYR B 33 25.72 -7.86 -12.26
C TYR B 33 25.20 -7.88 -13.69
N SER B 34 26.06 -8.32 -14.61
CA SER B 34 25.69 -8.52 -16.01
C SER B 34 26.08 -9.94 -16.43
N GLY B 35 25.93 -10.24 -17.72
CA GLY B 35 26.27 -11.56 -18.25
C GLY B 35 25.07 -12.49 -18.37
N PRO B 36 25.30 -13.75 -18.82
CA PRO B 36 24.23 -14.73 -19.01
C PRO B 36 23.51 -15.15 -17.74
N ASN B 37 24.21 -15.15 -16.61
CA ASN B 37 23.67 -15.64 -15.34
C ASN B 37 23.76 -14.65 -14.17
N CYS B 38 24.05 -13.39 -14.48
CA CYS B 38 24.28 -12.33 -13.49
C CYS B 38 25.44 -12.65 -12.55
N THR B 39 26.60 -12.96 -13.14
CA THR B 39 27.80 -13.28 -12.36
C THR B 39 28.96 -12.31 -12.64
N ILE B 40 28.92 -11.65 -13.79
CA ILE B 40 29.92 -10.64 -14.15
C ILE B 40 29.63 -9.34 -13.39
N PRO B 41 30.49 -9.00 -12.40
CA PRO B 41 30.20 -7.87 -11.52
C PRO B 41 30.57 -6.51 -12.10
N GLU B 42 29.74 -5.51 -11.83
CA GLU B 42 30.01 -4.13 -12.22
C GLU B 42 31.14 -3.56 -11.35
N ILE B 43 31.79 -2.51 -11.85
CA ILE B 43 32.93 -1.88 -11.18
C ILE B 43 32.73 -1.66 -9.67
N TRP B 44 31.57 -1.10 -9.31
CA TRP B 44 31.27 -0.79 -7.90
C TRP B 44 30.97 -2.04 -7.08
N THR B 45 30.23 -2.98 -7.67
CA THR B 45 29.86 -4.24 -7.01
C THR B 45 31.10 -5.05 -6.62
N TRP B 46 32.04 -5.15 -7.55
CA TRP B 46 33.33 -5.79 -7.31
C TRP B 46 34.04 -5.16 -6.11
N LEU B 47 34.09 -3.82 -6.08
CA LEU B 47 34.66 -3.07 -4.97
C LEU B 47 33.88 -3.32 -3.68
N ARG B 48 32.56 -3.38 -3.79
CA ARG B 48 31.67 -3.52 -2.64
C ARG B 48 31.72 -4.91 -2.02
N THR B 49 31.94 -5.94 -2.83
CA THR B 49 31.97 -7.33 -2.35
C THR B 49 33.35 -7.78 -1.84
N THR B 50 34.40 -7.15 -2.35
CA THR B 50 35.76 -7.44 -1.86
C THR B 50 36.04 -6.76 -0.52
N LEU B 51 35.45 -5.59 -0.32
CA LEU B 51 35.60 -4.83 0.94
C LEU B 51 34.64 -5.27 2.04
N ARG B 52 33.55 -5.95 1.66
N ARG B 52 33.58 -5.98 1.65
CA ARG B 52 32.54 -6.38 2.64
CA ARG B 52 32.57 -6.51 2.56
C ARG B 52 33.02 -7.58 3.46
C ARG B 52 33.12 -7.62 3.46
N PRO B 53 33.09 -7.42 4.80
CA PRO B 53 33.47 -8.48 5.72
C PRO B 53 32.33 -9.49 5.89
N SER B 54 32.65 -10.69 6.38
CA SER B 54 31.66 -11.74 6.60
C SER B 54 30.66 -11.33 7.69
N PRO B 55 29.40 -11.80 7.58
CA PRO B 55 28.40 -11.64 8.63
C PRO B 55 28.88 -12.14 10.00
N SER B 56 29.74 -13.16 9.99
CA SER B 56 30.33 -13.71 11.21
C SER B 56 31.31 -12.75 11.87
N PHE B 57 32.04 -12.00 11.04
CA PHE B 57 32.97 -10.97 11.52
C PHE B 57 32.22 -9.79 12.13
N ILE B 58 31.14 -9.37 11.46
CA ILE B 58 30.30 -8.27 11.92
C ILE B 58 29.57 -8.65 13.22
N HIS B 59 29.15 -9.91 13.33
CA HIS B 59 28.55 -10.42 14.56
C HIS B 59 29.53 -10.29 15.73
N PHE B 60 30.78 -10.71 15.50
CA PHE B 60 31.83 -10.65 16.51
C PHE B 60 32.05 -9.24 17.04
N LEU B 61 32.12 -8.26 16.13
CA LEU B 61 32.32 -6.86 16.49
C LEU B 61 31.19 -6.30 17.34
N LEU B 62 29.96 -6.69 17.02
CA LEU B 62 28.78 -6.22 17.72
C LEU B 62 28.60 -6.87 19.09
N THR B 63 29.30 -7.99 19.31
CA THR B 63 29.12 -8.79 20.53
C THR B 63 30.37 -8.83 21.40
N HIS B 64 31.37 -8.00 21.08
CA HIS B 64 32.62 -7.95 21.84
C HIS B 64 33.14 -6.53 21.97
N GLY B 65 34.00 -6.32 22.97
CA GLY B 65 34.66 -5.02 23.19
C GLY B 65 33.75 -3.95 23.74
N ARG B 66 33.37 -4.09 25.02
CA ARG B 66 32.47 -3.15 25.68
C ARG B 66 32.95 -1.69 25.66
N TRP B 67 34.26 -1.49 25.86
CA TRP B 67 34.83 -0.14 25.93
C TRP B 67 34.56 0.70 24.69
N LEU B 68 34.71 0.08 23.51
CA LEU B 68 34.46 0.75 22.24
C LEU B 68 32.99 1.11 22.08
N TRP B 69 32.11 0.23 22.56
CA TRP B 69 30.67 0.41 22.41
C TRP B 69 30.04 1.41 23.37
N ASP B 70 30.64 1.57 24.55
CA ASP B 70 30.23 2.60 25.51
C ASP B 70 30.42 3.98 24.89
N PHE B 71 31.54 4.14 24.19
CA PHE B 71 31.85 5.36 23.44
C PHE B 71 30.85 5.57 22.30
N VAL B 72 30.61 4.51 21.52
CA VAL B 72 29.72 4.57 20.37
C VAL B 72 28.28 4.94 20.78
N ASN B 73 27.79 4.32 21.84
CA ASN B 73 26.43 4.55 22.34
C ASN B 73 26.19 5.97 22.85
N ALA B 74 27.25 6.62 23.32
CA ALA B 74 27.17 7.98 23.86
C ALA B 74 27.39 9.07 22.79
N THR B 75 27.77 8.66 21.58
CA THR B 75 27.99 9.57 20.47
C THR B 75 26.98 9.35 19.35
N PHE B 76 27.01 10.25 18.36
CA PHE B 76 26.11 10.19 17.20
C PHE B 76 26.31 8.93 16.37
N ILE B 77 27.43 8.24 16.59
CA ILE B 77 27.74 6.98 15.91
C ILE B 77 26.64 5.93 16.15
N ARG B 78 25.96 6.04 17.29
CA ARG B 78 24.78 5.23 17.58
C ARG B 78 23.73 5.40 16.49
N ASP B 79 23.41 6.65 16.17
CA ASP B 79 22.43 6.99 15.14
C ASP B 79 22.95 6.66 13.74
N THR B 80 24.25 6.83 13.54
CA THR B 80 24.91 6.53 12.26
C THR B 80 24.82 5.04 11.94
N LEU B 81 25.13 4.20 12.92
CA LEU B 81 25.10 2.75 12.75
C LEU B 81 23.69 2.21 12.61
N MET B 82 22.79 2.68 13.49
CA MET B 82 21.40 2.23 13.49
C MET B 82 20.70 2.50 12.15
N ARG B 83 21.01 3.65 11.53
CA ARG B 83 20.49 3.98 10.21
C ARG B 83 21.02 3.00 9.16
N LEU B 84 22.31 2.65 9.27
CA LEU B 84 22.93 1.69 8.37
C LEU B 84 22.30 0.31 8.56
N VAL B 85 22.06 -0.07 9.81
CA VAL B 85 21.39 -1.33 10.15
C VAL B 85 20.01 -1.36 9.50
N LEU B 86 19.24 -0.30 9.70
CA LEU B 86 17.89 -0.17 9.16
C LEU B 86 17.85 -0.22 7.63
N THR B 87 18.64 0.63 6.97
CA THR B 87 18.61 0.74 5.51
C THR B 87 19.21 -0.47 4.79
N VAL B 88 20.36 -0.95 5.26
CA VAL B 88 21.04 -2.08 4.62
C VAL B 88 20.25 -3.39 4.74
N ARG B 89 19.70 -3.65 5.92
CA ARG B 89 18.89 -4.84 6.16
C ARG B 89 17.62 -4.90 5.32
N SER B 90 16.79 -3.86 5.46
CA SER B 90 15.46 -3.84 4.84
C SER B 90 15.46 -3.72 3.31
N ASN B 91 16.58 -3.28 2.73
CA ASN B 91 16.72 -3.23 1.28
C ASN B 91 16.78 -4.61 0.61
N LEU B 92 17.06 -5.64 1.41
CA LEU B 92 17.07 -7.02 0.93
C LEU B 92 15.65 -7.55 0.70
N ILE B 93 14.66 -6.76 1.10
CA ILE B 93 13.25 -7.12 0.94
C ILE B 93 12.61 -6.36 -0.20
N PRO B 94 12.14 -7.09 -1.23
CA PRO B 94 11.46 -6.47 -2.37
C PRO B 94 10.18 -5.74 -1.95
N SER B 95 10.11 -4.46 -2.31
CA SER B 95 8.95 -3.62 -2.01
C SER B 95 8.77 -2.59 -3.11
N PRO B 96 7.59 -2.54 -3.76
CA PRO B 96 6.39 -3.37 -3.57
C PRO B 96 6.64 -4.88 -3.75
N PRO B 97 5.84 -5.72 -3.07
CA PRO B 97 6.01 -7.19 -3.00
C PRO B 97 6.04 -7.87 -4.36
N THR B 98 6.61 -9.08 -4.39
CA THR B 98 6.89 -9.78 -5.64
C THR B 98 5.93 -10.93 -5.94
N TYR B 99 6.16 -12.08 -5.32
CA TYR B 99 5.48 -13.32 -5.69
C TYR B 99 4.55 -13.84 -4.59
N ASN B 100 3.72 -14.83 -4.96
CA ASN B 100 2.90 -15.57 -4.01
C ASN B 100 2.77 -17.04 -4.43
N ILE B 101 1.92 -17.80 -3.74
CA ILE B 101 1.70 -19.22 -4.05
C ILE B 101 1.11 -19.43 -5.46
N ALA B 102 0.36 -18.43 -5.94
CA ALA B 102 -0.27 -18.49 -7.26
C ALA B 102 0.73 -18.15 -8.38
N HIS B 103 1.48 -17.06 -8.20
CA HIS B 103 2.39 -16.58 -9.25
C HIS B 103 3.85 -16.59 -8.84
N ASP B 104 4.68 -17.28 -9.60
CA ASP B 104 6.13 -17.26 -9.44
C ASP B 104 6.73 -16.20 -10.36
N TYR B 105 5.97 -15.13 -10.55
CA TYR B 105 6.32 -14.04 -11.46
C TYR B 105 5.60 -12.78 -11.01
N ILE B 106 6.15 -11.62 -11.34
CA ILE B 106 5.56 -10.33 -10.96
C ILE B 106 4.20 -10.14 -11.66
N SER B 107 3.19 -9.78 -10.87
CA SER B 107 1.84 -9.56 -11.39
C SER B 107 1.05 -8.56 -10.55
N TRP B 108 0.01 -7.97 -11.16
CA TRP B 108 -0.87 -7.03 -10.46
C TRP B 108 -1.67 -7.71 -9.37
N GLU B 109 -2.16 -8.91 -9.65
CA GLU B 109 -2.93 -9.72 -8.71
C GLU B 109 -2.11 -9.95 -7.43
N SER B 110 -0.85 -10.36 -7.60
CA SER B 110 0.07 -10.52 -6.48
C SER B 110 0.20 -9.25 -5.64
N PHE B 111 0.16 -8.10 -6.32
CA PHE B 111 0.29 -6.80 -5.67
C PHE B 111 -0.96 -6.38 -4.89
N SER B 112 -2.14 -6.57 -5.51
CA SER B 112 -3.39 -6.02 -4.98
C SER B 112 -4.16 -6.96 -4.03
N ASN B 113 -3.98 -8.26 -4.19
CA ASN B 113 -4.69 -9.24 -3.35
C ASN B 113 -3.94 -9.52 -2.05
N VAL B 114 -4.36 -8.82 -0.99
CA VAL B 114 -3.68 -8.86 0.30
C VAL B 114 -3.92 -10.15 1.11
N SER B 115 -4.81 -11.00 0.61
CA SER B 115 -5.05 -12.31 1.22
C SER B 115 -3.82 -13.22 1.12
N TYR B 116 -2.98 -12.96 0.12
CA TYR B 116 -1.77 -13.73 -0.10
C TYR B 116 -0.62 -13.28 0.81
N TYR B 117 0.10 -14.25 1.37
CA TYR B 117 1.45 -14.00 1.88
C TYR B 117 2.32 -13.79 0.64
N THR B 118 3.33 -12.94 0.76
CA THR B 118 4.30 -12.79 -0.33
C THR B 118 5.43 -13.80 -0.13
N ARG B 119 6.35 -13.85 -1.08
CA ARG B 119 7.54 -14.69 -0.96
C ARG B 119 8.75 -14.05 -1.65
N ILE B 120 9.94 -14.30 -1.09
CA ILE B 120 11.16 -13.68 -1.58
C ILE B 120 11.72 -14.41 -2.79
N LEU B 121 11.87 -15.73 -2.68
CA LEU B 121 12.24 -16.56 -3.82
C LEU B 121 10.98 -17.25 -4.36
N PRO B 122 10.90 -17.42 -5.69
CA PRO B 122 9.80 -18.18 -6.28
C PRO B 122 9.81 -19.66 -5.84
N SER B 123 8.74 -20.38 -6.12
CA SER B 123 8.64 -21.77 -5.71
C SER B 123 9.51 -22.67 -6.57
N VAL B 124 9.68 -23.92 -6.15
CA VAL B 124 10.31 -24.94 -6.96
C VAL B 124 9.30 -25.36 -8.03
N PRO B 125 9.59 -25.10 -9.32
CA PRO B 125 8.66 -25.45 -10.39
C PRO B 125 8.20 -26.91 -10.32
N ARG B 126 6.95 -27.15 -10.66
CA ARG B 126 6.32 -28.48 -10.51
C ARG B 126 6.88 -29.52 -11.48
N ASP B 127 7.46 -29.06 -12.58
CA ASP B 127 8.04 -29.94 -13.60
C ASP B 127 9.56 -30.07 -13.48
N CYS B 128 10.06 -30.02 -12.25
CA CYS B 128 11.47 -30.31 -11.97
C CYS B 128 11.62 -31.81 -11.66
N PRO B 129 12.84 -32.37 -11.85
CA PRO B 129 13.14 -33.76 -11.48
C PRO B 129 12.92 -34.07 -9.99
N THR B 130 13.62 -33.36 -9.12
CA THR B 130 13.52 -33.57 -7.67
C THR B 130 12.67 -32.46 -7.03
N PRO B 131 12.00 -32.76 -5.91
CA PRO B 131 11.10 -31.79 -5.25
C PRO B 131 11.78 -30.49 -4.81
N MET B 132 13.11 -30.52 -4.73
CA MET B 132 13.90 -29.35 -4.32
C MET B 132 14.67 -28.74 -5.49
N GLY B 133 14.28 -29.13 -6.71
CA GLY B 133 14.93 -28.63 -7.93
C GLY B 133 15.51 -29.74 -8.77
N THR B 134 16.83 -29.86 -8.75
CA THR B 134 17.55 -30.91 -9.46
C THR B 134 18.35 -31.78 -8.50
N LYS B 135 18.77 -31.17 -7.38
CA LYS B 135 19.60 -31.85 -6.40
C LYS B 135 18.78 -32.63 -5.37
N GLY B 136 19.42 -33.62 -4.76
CA GLY B 136 18.79 -34.42 -3.71
C GLY B 136 18.16 -35.70 -4.24
N LYS B 137 17.20 -36.22 -3.48
CA LYS B 137 16.55 -37.49 -3.81
C LYS B 137 15.14 -37.27 -4.37
N LYS B 138 14.61 -38.29 -5.04
CA LYS B 138 13.29 -38.24 -5.66
C LYS B 138 12.17 -38.10 -4.64
N GLN B 139 12.36 -38.74 -3.47
CA GLN B 139 11.44 -38.62 -2.35
C GLN B 139 12.15 -38.03 -1.14
N LEU B 140 11.64 -36.87 -0.69
CA LEU B 140 12.22 -36.14 0.44
C LEU B 140 12.08 -36.88 1.77
N PRO B 141 13.00 -36.62 2.72
CA PRO B 141 12.96 -37.20 4.07
C PRO B 141 11.59 -37.07 4.75
N ASP B 142 11.24 -38.07 5.56
CA ASP B 142 9.97 -38.08 6.27
C ASP B 142 9.92 -36.96 7.31
N ALA B 143 8.86 -36.15 7.23
CA ALA B 143 8.69 -34.98 8.12
C ALA B 143 8.56 -35.39 9.59
N GLU B 144 7.82 -36.46 9.85
CA GLU B 144 7.63 -37.00 11.20
C GLU B 144 8.96 -37.48 11.78
N PHE B 145 9.68 -38.28 11.00
CA PHE B 145 10.97 -38.86 11.40
C PHE B 145 12.05 -37.80 11.57
N LEU B 146 12.02 -36.77 10.74
CA LEU B 146 13.03 -35.72 10.74
C LEU B 146 12.98 -34.87 12.02
N SER B 147 11.77 -34.63 12.51
CA SER B 147 11.57 -33.88 13.75
C SER B 147 11.87 -34.73 14.97
N ARG B 148 11.64 -36.03 14.85
CA ARG B 148 11.93 -37.00 15.91
C ARG B 148 13.42 -37.11 16.20
N ARG B 149 14.21 -37.34 15.15
CA ARG B 149 15.64 -37.62 15.28
C ARG B 149 16.52 -36.39 15.53
N PHE B 150 16.03 -35.21 15.17
CA PHE B 150 16.87 -34.00 15.18
C PHE B 150 16.32 -32.82 15.96
N LEU B 151 14.99 -32.71 16.04
CA LEU B 151 14.34 -31.56 16.67
C LEU B 151 13.73 -31.86 18.05
N LEU B 152 13.52 -33.14 18.35
CA LEU B 152 12.92 -33.56 19.61
C LEU B 152 13.84 -33.30 20.79
N ARG B 153 13.32 -32.62 21.81
CA ARG B 153 14.07 -32.36 23.03
C ARG B 153 14.26 -33.64 23.84
N ARG B 154 15.51 -33.90 24.20
CA ARG B 154 15.85 -34.98 25.12
C ARG B 154 16.02 -34.37 26.50
N LYS B 155 17.05 -33.53 26.65
CA LYS B 155 17.26 -32.73 27.86
C LYS B 155 17.10 -31.25 27.52
N PHE B 156 16.54 -30.49 28.45
CA PHE B 156 16.29 -29.06 28.26
C PHE B 156 17.59 -28.27 28.12
N ILE B 157 17.66 -27.45 27.08
CA ILE B 157 18.79 -26.55 26.87
C ILE B 157 18.31 -25.10 27.00
N PRO B 158 18.70 -24.41 28.08
CA PRO B 158 18.33 -23.00 28.24
C PRO B 158 19.14 -22.10 27.31
N ASP B 159 18.58 -20.95 26.96
CA ASP B 159 19.27 -19.98 26.12
C ASP B 159 20.37 -19.28 26.92
N PRO B 160 21.63 -19.42 26.46
CA PRO B 160 22.77 -18.80 27.16
C PRO B 160 22.71 -17.27 27.22
N GLN B 161 21.84 -16.66 26.41
CA GLN B 161 21.65 -15.21 26.43
C GLN B 161 20.79 -14.74 27.61
N GLY B 162 20.14 -15.69 28.27
CA GLY B 162 19.33 -15.41 29.46
C GLY B 162 17.88 -15.04 29.18
N THR B 163 17.43 -15.30 27.96
CA THR B 163 16.05 -15.00 27.55
C THR B 163 15.04 -15.74 28.41
N ASN B 164 14.06 -15.01 28.93
CA ASN B 164 13.01 -15.57 29.78
C ASN B 164 11.75 -15.93 28.99
N LEU B 165 10.77 -16.50 29.69
CA LEU B 165 9.48 -16.84 29.08
C LEU B 165 8.66 -15.60 28.71
N MET B 166 8.89 -14.51 29.43
CA MET B 166 8.23 -13.22 29.16
C MET B 166 8.46 -12.78 27.71
N PHE B 167 9.69 -12.97 27.24
CA PHE B 167 10.05 -12.72 25.84
C PHE B 167 9.27 -13.64 24.91
N ALA B 168 9.27 -14.94 25.24
CA ALA B 168 8.65 -15.96 24.41
C ALA B 168 7.14 -15.77 24.26
N PHE B 169 6.50 -15.29 25.32
CA PHE B 169 5.07 -15.02 25.27
C PHE B 169 4.78 -13.70 24.54
N PHE B 170 5.69 -12.75 24.66
CA PHE B 170 5.63 -11.51 23.88
C PHE B 170 5.82 -11.86 22.41
N ALA B 171 6.82 -12.69 22.13
CA ALA B 171 7.11 -13.16 20.77
C ALA B 171 5.86 -13.76 20.11
N GLN B 172 5.27 -14.76 20.77
CA GLN B 172 4.08 -15.44 20.24
C GLN B 172 2.89 -14.50 20.11
N HIS B 173 2.67 -13.65 21.12
CA HIS B 173 1.62 -12.65 21.12
C HIS B 173 1.80 -11.68 19.97
N PHE B 174 2.99 -11.07 19.91
CA PHE B 174 3.35 -10.07 18.90
C PHE B 174 3.24 -10.59 17.46
N THR B 175 3.69 -11.83 17.24
CA THR B 175 3.70 -12.41 15.90
C THR B 175 2.32 -12.74 15.34
N HIS B 176 1.39 -13.10 16.23
CA HIS B 176 0.07 -13.56 15.81
C HIS B 176 -0.87 -12.44 15.35
N GLN B 177 -0.34 -11.23 15.23
CA GLN B 177 -1.08 -10.12 14.61
C GLN B 177 -0.83 -10.05 13.11
N PHE B 178 0.31 -10.58 12.67
CA PHE B 178 0.64 -10.62 11.25
C PHE B 178 0.84 -12.03 10.67
N PHE B 179 0.84 -13.04 11.55
CA PHE B 179 0.78 -14.43 11.12
C PHE B 179 -0.58 -15.01 11.48
N LYS B 180 -1.47 -15.06 10.50
CA LYS B 180 -2.79 -15.66 10.67
C LYS B 180 -3.20 -16.43 9.42
N THR B 181 -2.57 -17.61 9.25
CA THR B 181 -2.80 -18.43 8.06
C THR B 181 -4.23 -18.95 8.00
N SER B 182 -4.92 -18.61 6.90
CA SER B 182 -6.32 -18.98 6.69
C SER B 182 -6.46 -20.48 6.42
N GLY B 183 -6.79 -21.22 7.48
CA GLY B 183 -6.92 -22.68 7.41
C GLY B 183 -7.89 -23.19 6.36
N LYS B 184 -8.93 -22.40 6.08
CA LYS B 184 -9.96 -22.75 5.11
C LYS B 184 -9.60 -22.40 3.66
N MET B 185 -8.92 -21.27 3.48
CA MET B 185 -8.41 -20.88 2.16
C MET B 185 -7.21 -21.74 1.77
N GLY B 186 -6.36 -22.05 2.75
CA GLY B 186 -5.19 -22.89 2.52
C GLY B 186 -3.88 -22.22 2.87
N PRO B 187 -2.76 -22.97 2.80
CA PRO B 187 -1.44 -22.42 3.08
C PRO B 187 -1.03 -21.38 2.04
N GLY B 188 -0.41 -20.30 2.47
CA GLY B 188 -0.05 -19.20 1.59
C GLY B 188 -1.00 -18.03 1.68
N PHE B 189 -2.16 -18.26 2.29
CA PHE B 189 -3.16 -17.22 2.51
C PHE B 189 -3.14 -16.74 3.96
N THR B 190 -3.61 -15.52 4.19
CA THR B 190 -3.62 -14.93 5.53
C THR B 190 -4.88 -14.12 5.84
N LYS B 191 -5.30 -14.14 7.10
CA LYS B 191 -6.43 -13.36 7.58
C LYS B 191 -5.97 -12.00 8.13
N ALA B 192 -4.70 -11.93 8.51
CA ALA B 192 -4.09 -10.69 9.00
C ALA B 192 -3.77 -9.78 7.83
N LEU B 193 -4.76 -8.99 7.42
CA LEU B 193 -4.67 -8.18 6.20
C LEU B 193 -3.89 -6.87 6.37
N GLY B 194 -3.58 -6.52 7.62
CA GLY B 194 -2.76 -5.34 7.92
C GLY B 194 -1.30 -5.56 7.60
N HIS B 195 -0.91 -6.84 7.49
CA HIS B 195 0.45 -7.25 7.11
C HIS B 195 1.55 -6.55 7.90
N GLY B 196 1.44 -6.61 9.23
CA GLY B 196 2.45 -6.00 10.11
C GLY B 196 1.94 -5.65 11.49
N VAL B 197 2.49 -4.58 12.05
CA VAL B 197 2.14 -4.15 13.41
C VAL B 197 0.92 -3.22 13.36
N ASP B 198 -0.23 -3.81 13.12
CA ASP B 198 -1.51 -3.09 13.04
C ASP B 198 -2.35 -3.30 14.30
N LEU B 199 -1.90 -4.22 15.14
CA LEU B 199 -2.57 -4.60 16.39
C LEU B 199 -3.94 -5.27 16.14
N GLY B 200 -4.00 -6.10 15.10
CA GLY B 200 -5.19 -6.89 14.79
C GLY B 200 -5.38 -8.07 15.74
N HIS B 201 -4.52 -8.15 16.74
CA HIS B 201 -4.64 -9.15 17.80
C HIS B 201 -5.13 -8.51 19.10
N ILE B 202 -5.35 -7.20 19.03
CA ILE B 202 -5.92 -6.43 20.15
C ILE B 202 -7.28 -5.86 19.74
N TYR B 203 -7.39 -5.42 18.49
CA TYR B 203 -8.62 -4.80 17.98
C TYR B 203 -9.31 -5.63 16.89
N GLY B 204 -8.81 -6.83 16.64
CA GLY B 204 -9.42 -7.73 15.66
C GLY B 204 -8.94 -7.50 14.24
N ASP B 205 -9.12 -8.51 13.39
CA ASP B 205 -8.67 -8.45 11.99
C ASP B 205 -9.67 -7.74 11.06
N ASN B 206 -10.93 -7.69 11.47
CA ASN B 206 -11.97 -7.02 10.68
C ASN B 206 -12.71 -5.92 11.46
N LEU B 207 -13.49 -5.13 10.74
CA LEU B 207 -14.14 -3.95 11.31
C LEU B 207 -15.28 -4.29 12.28
N GLU B 208 -16.09 -5.30 11.91
CA GLU B 208 -17.25 -5.70 12.70
C GLU B 208 -16.85 -6.33 14.04
N ARG B 209 -15.74 -7.06 14.05
CA ARG B 209 -15.17 -7.65 15.25
C ARG B 209 -14.65 -6.56 16.20
N GLN B 210 -14.02 -5.54 15.62
CA GLN B 210 -13.51 -4.39 16.36
C GLN B 210 -14.62 -3.69 17.15
N TYR B 211 -15.75 -3.46 16.48
CA TYR B 211 -16.89 -2.74 17.05
C TYR B 211 -17.55 -3.51 18.19
N GLN B 212 -17.46 -4.84 18.11
CA GLN B 212 -18.00 -5.71 19.14
C GLN B 212 -17.14 -5.65 20.40
N LEU B 213 -15.85 -5.38 20.22
CA LEU B 213 -14.90 -5.23 21.32
C LEU B 213 -14.94 -3.83 21.93
N ARG B 214 -15.27 -2.83 21.11
CA ARG B 214 -15.30 -1.44 21.55
C ARG B 214 -16.50 -1.12 22.45
N LEU B 215 -16.23 -0.38 23.52
CA LEU B 215 -17.27 0.04 24.46
C LEU B 215 -18.03 1.26 23.96
N PHE B 216 -17.43 1.97 23.00
CA PHE B 216 -18.01 3.16 22.36
C PHE B 216 -18.34 4.30 23.33
N LYS B 217 -17.51 4.41 24.38
CA LYS B 217 -17.53 5.55 25.29
C LYS B 217 -16.10 5.84 25.71
N ASP B 218 -15.65 7.07 25.43
CA ASP B 218 -14.30 7.54 25.75
C ASP B 218 -13.19 6.82 24.97
N GLY B 219 -13.57 6.16 23.88
CA GLY B 219 -12.62 5.47 22.99
C GLY B 219 -12.07 4.16 23.54
N LYS B 220 -12.66 3.68 24.62
CA LYS B 220 -12.17 2.50 25.33
C LYS B 220 -12.75 1.21 24.77
N LEU B 221 -12.05 0.10 25.01
CA LEU B 221 -12.59 -1.23 24.71
C LEU B 221 -13.36 -1.75 25.92
N LYS B 222 -14.27 -2.70 25.66
CA LYS B 222 -15.05 -3.34 26.71
C LYS B 222 -14.14 -4.14 27.64
N TYR B 223 -14.58 -4.27 28.90
CA TYR B 223 -13.81 -4.95 29.93
C TYR B 223 -14.70 -5.42 31.09
N GLN B 224 -14.28 -6.50 31.75
CA GLN B 224 -14.97 -6.99 32.94
C GLN B 224 -14.06 -6.91 34.16
N MET B 225 -14.66 -6.69 35.33
CA MET B 225 -13.92 -6.57 36.57
C MET B 225 -13.95 -7.87 37.37
N LEU B 226 -12.77 -8.37 37.71
CA LEU B 226 -12.61 -9.58 38.52
C LEU B 226 -11.56 -9.34 39.60
N ASN B 227 -11.94 -9.55 40.86
CA ASN B 227 -11.09 -9.29 42.03
C ASN B 227 -10.65 -7.83 42.18
N GLY B 228 -11.38 -6.92 41.53
CA GLY B 228 -11.07 -5.49 41.57
C GLY B 228 -10.11 -5.04 40.49
N GLU B 229 -9.76 -5.96 39.59
CA GLU B 229 -8.80 -5.69 38.52
C GLU B 229 -9.46 -5.70 37.14
N VAL B 230 -8.82 -5.07 36.17
CA VAL B 230 -9.37 -4.93 34.81
C VAL B 230 -8.96 -6.10 33.91
N TYR B 231 -9.96 -6.78 33.34
CA TYR B 231 -9.74 -7.92 32.44
C TYR B 231 -10.63 -7.84 31.20
N PRO B 232 -10.22 -8.49 30.10
CA PRO B 232 -11.06 -8.55 28.89
C PRO B 232 -12.42 -9.21 29.17
N PRO B 233 -13.48 -8.73 28.50
CA PRO B 233 -14.84 -9.19 28.79
C PRO B 233 -15.12 -10.58 28.23
N SER B 234 -16.26 -11.16 28.60
CA SER B 234 -16.66 -12.47 28.11
C SER B 234 -17.32 -12.36 26.73
N VAL B 235 -17.46 -13.49 26.05
CA VAL B 235 -18.14 -13.56 24.75
C VAL B 235 -19.63 -13.23 24.88
N GLU B 236 -20.16 -13.41 26.10
CA GLU B 236 -21.53 -12.99 26.41
C GLU B 236 -21.65 -11.46 26.32
N GLU B 237 -20.62 -10.76 26.80
CA GLU B 237 -20.55 -9.30 26.71
C GLU B 237 -20.16 -8.84 25.30
N ALA B 238 -19.12 -9.47 24.75
CA ALA B 238 -18.63 -9.13 23.41
C ALA B 238 -18.66 -10.37 22.49
N PRO B 239 -19.80 -10.57 21.80
CA PRO B 239 -20.04 -11.77 20.97
C PRO B 239 -19.14 -11.87 19.73
N VAL B 240 -17.90 -12.31 19.94
CA VAL B 240 -16.97 -12.53 18.83
C VAL B 240 -16.47 -13.98 18.78
N LEU B 241 -16.10 -14.42 17.58
CA LEU B 241 -15.60 -15.78 17.34
C LEU B 241 -14.29 -16.03 18.10
N MET B 242 -14.31 -17.01 19.00
CA MET B 242 -13.13 -17.42 19.76
C MET B 242 -12.91 -18.93 19.67
N HIS B 243 -11.72 -19.33 19.23
CA HIS B 243 -11.39 -20.75 19.09
C HIS B 243 -11.07 -21.39 20.44
N TYR B 244 -12.10 -21.94 21.08
CA TYR B 244 -11.98 -22.65 22.34
C TYR B 244 -12.22 -24.15 22.11
N PRO B 245 -11.67 -25.01 23.00
CA PRO B 245 -11.96 -26.45 22.97
C PRO B 245 -13.45 -26.75 23.06
N ARG B 246 -13.86 -27.83 22.40
CA ARG B 246 -15.27 -28.23 22.34
C ARG B 246 -15.85 -28.44 23.73
N GLY B 247 -16.96 -27.77 24.01
CA GLY B 247 -17.65 -27.91 25.29
C GLY B 247 -17.60 -26.67 26.17
N ILE B 248 -16.57 -25.85 25.99
CA ILE B 248 -16.43 -24.61 26.78
C ILE B 248 -17.40 -23.53 26.29
N PRO B 249 -18.38 -23.16 27.13
CA PRO B 249 -19.44 -22.22 26.77
C PRO B 249 -18.94 -20.77 26.70
N PRO B 250 -19.56 -19.94 25.85
CA PRO B 250 -19.14 -18.54 25.62
C PRO B 250 -19.01 -17.66 26.87
N GLN B 251 -19.86 -17.91 27.87
CA GLN B 251 -19.83 -17.18 29.13
C GLN B 251 -18.55 -17.41 29.95
N SER B 252 -17.93 -18.58 29.74
CA SER B 252 -16.68 -18.94 30.42
C SER B 252 -15.45 -18.50 29.63
N GLN B 253 -15.67 -17.83 28.50
CA GLN B 253 -14.59 -17.40 27.60
C GLN B 253 -14.23 -15.93 27.80
N MET B 254 -13.14 -15.50 27.17
CA MET B 254 -12.73 -14.08 27.17
C MET B 254 -12.51 -13.56 25.75
N ALA B 255 -13.01 -12.36 25.48
CA ALA B 255 -13.03 -11.79 24.13
C ALA B 255 -11.87 -10.83 23.85
N VAL B 256 -11.05 -11.18 22.87
CA VAL B 256 -9.92 -10.34 22.43
C VAL B 256 -9.83 -10.28 20.90
N GLY B 257 -8.82 -9.58 20.40
CA GLY B 257 -8.63 -9.40 18.96
C GLY B 257 -8.25 -10.65 18.19
N GLN B 258 -7.46 -11.52 18.83
CA GLN B 258 -7.00 -12.76 18.20
C GLN B 258 -7.75 -13.96 18.75
N GLU B 259 -8.35 -14.73 17.84
CA GLU B 259 -9.23 -15.85 18.18
C GLU B 259 -8.56 -16.95 19.00
N VAL B 260 -7.27 -17.18 18.76
CA VAL B 260 -6.55 -18.30 19.37
C VAL B 260 -5.95 -17.99 20.74
N PHE B 261 -6.15 -16.76 21.21
CA PHE B 261 -5.50 -16.27 22.43
C PHE B 261 -6.07 -16.81 23.74
N GLY B 262 -7.27 -17.40 23.68
CA GLY B 262 -7.89 -18.01 24.85
C GLY B 262 -7.27 -19.34 25.23
N LEU B 263 -6.45 -19.88 24.33
CA LEU B 263 -5.89 -21.22 24.48
C LEU B 263 -4.71 -21.28 25.45
N LEU B 264 -4.06 -20.13 25.67
CA LEU B 264 -2.91 -20.04 26.58
C LEU B 264 -3.00 -18.82 27.49
N PRO B 265 -2.69 -19.00 28.80
CA PRO B 265 -2.72 -17.90 29.76
C PRO B 265 -1.69 -16.81 29.45
N GLY B 266 -0.55 -17.20 28.88
CA GLY B 266 0.50 -16.26 28.48
C GLY B 266 0.06 -15.33 27.37
N LEU B 267 -0.63 -15.90 26.37
CA LEU B 267 -1.23 -15.12 25.30
C LEU B 267 -2.35 -14.22 25.82
N MET B 268 -3.14 -14.76 26.74
CA MET B 268 -4.24 -14.02 27.35
C MET B 268 -3.75 -12.94 28.32
N LEU B 269 -2.52 -13.11 28.81
CA LEU B 269 -1.89 -12.15 29.73
C LEU B 269 -1.65 -10.82 29.02
N TYR B 270 -0.89 -10.86 27.93
CA TYR B 270 -0.56 -9.66 27.16
C TYR B 270 -1.79 -8.97 26.60
N ALA B 271 -2.77 -9.77 26.20
CA ALA B 271 -4.08 -9.27 25.75
C ALA B 271 -4.70 -8.35 26.80
N THR B 272 -4.61 -8.76 28.06
CA THR B 272 -5.07 -7.97 29.20
C THR B 272 -4.25 -6.70 29.37
N ILE B 273 -2.92 -6.82 29.30
CA ILE B 273 -2.00 -5.71 29.52
C ILE B 273 -2.20 -4.60 28.50
N TRP B 274 -2.24 -4.97 27.22
CA TRP B 274 -2.43 -4.02 26.12
C TRP B 274 -3.81 -3.36 26.16
N LEU B 275 -4.83 -4.12 26.59
CA LEU B 275 -6.19 -3.57 26.76
C LEU B 275 -6.20 -2.54 27.88
N ARG B 276 -5.57 -2.87 29.00
CA ARG B 276 -5.39 -1.94 30.11
C ARG B 276 -4.67 -0.69 29.65
N GLU B 277 -3.65 -0.88 28.82
CA GLU B 277 -2.86 0.22 28.27
C GLU B 277 -3.72 1.15 27.42
N HIS B 278 -4.48 0.58 26.48
CA HIS B 278 -5.36 1.35 25.60
C HIS B 278 -6.29 2.27 26.39
N ASN B 279 -7.03 1.70 27.33
CA ASN B 279 -7.92 2.47 28.20
C ASN B 279 -7.18 3.50 29.06
N ARG B 280 -5.98 3.16 29.50
CA ARG B 280 -5.13 4.09 30.25
C ARG B 280 -4.73 5.28 29.38
N VAL B 281 -4.40 5.00 28.12
CA VAL B 281 -4.06 6.03 27.13
C VAL B 281 -5.27 6.92 26.82
N CYS B 282 -6.45 6.30 26.74
CA CYS B 282 -7.71 7.02 26.52
C CYS B 282 -7.99 8.05 27.62
N ASP B 283 -7.65 7.70 28.86
CA ASP B 283 -7.84 8.58 30.01
C ASP B 283 -7.00 9.86 29.92
N LEU B 284 -5.75 9.71 29.50
CA LEU B 284 -4.84 10.85 29.33
C LEU B 284 -5.28 11.75 28.17
N LEU B 285 -5.73 11.11 27.09
CA LEU B 285 -6.23 11.82 25.90
C LEU B 285 -7.53 12.59 26.15
N LYS B 286 -8.41 12.03 26.98
CA LYS B 286 -9.68 12.67 27.33
C LYS B 286 -9.50 13.95 28.14
N ALA B 287 -8.47 13.96 28.99
CA ALA B 287 -8.14 15.13 29.81
C ALA B 287 -7.67 16.30 28.93
N GLU B 288 -6.93 15.97 27.89
CA GLU B 288 -6.36 16.96 26.97
C GLU B 288 -7.35 17.39 25.90
N HIS B 289 -8.28 16.49 25.55
CA HIS B 289 -9.25 16.73 24.49
C HIS B 289 -10.68 16.40 24.93
N PRO B 290 -11.31 17.27 25.74
CA PRO B 290 -12.69 17.01 26.16
C PRO B 290 -13.71 17.14 25.03
N THR B 291 -13.36 17.88 23.98
CA THR B 291 -14.25 18.09 22.83
C THR B 291 -14.30 16.89 21.89
N TRP B 292 -13.26 16.06 21.94
CA TRP B 292 -13.14 14.86 21.11
C TRP B 292 -14.26 13.87 21.34
N GLY B 293 -14.77 13.28 20.24
CA GLY B 293 -15.76 12.22 20.32
C GLY B 293 -15.13 10.88 20.67
N ASP B 294 -15.91 9.81 20.58
CA ASP B 294 -15.43 8.47 20.88
C ASP B 294 -14.44 7.97 19.82
N GLU B 295 -14.80 8.14 18.56
CA GLU B 295 -14.03 7.62 17.43
C GLU B 295 -12.58 8.08 17.45
N GLN B 296 -12.37 9.39 17.63
CA GLN B 296 -11.03 9.97 17.62
C GLN B 296 -10.20 9.50 18.81
N LEU B 297 -10.84 9.34 19.97
CA LEU B 297 -10.16 8.83 21.16
C LEU B 297 -9.65 7.41 20.95
N PHE B 298 -10.49 6.55 20.38
CA PHE B 298 -10.12 5.18 20.08
C PHE B 298 -9.00 5.10 19.03
N GLN B 299 -9.18 5.79 17.92
CA GLN B 299 -8.22 5.75 16.81
C GLN B 299 -6.83 6.25 17.23
N THR B 300 -6.79 7.31 18.03
CA THR B 300 -5.54 7.92 18.48
C THR B 300 -4.81 7.01 19.47
N ALA B 301 -5.55 6.45 20.41
CA ALA B 301 -4.98 5.50 21.39
C ALA B 301 -4.35 4.31 20.68
N ARG B 302 -5.01 3.84 19.62
CA ARG B 302 -4.51 2.75 18.79
C ARG B 302 -3.12 3.07 18.21
N LEU B 303 -3.00 4.26 17.62
CA LEU B 303 -1.74 4.72 17.03
C LEU B 303 -0.63 4.80 18.08
N ILE B 304 -0.97 5.36 19.24
CA ILE B 304 -0.05 5.45 20.38
C ILE B 304 0.42 4.06 20.82
N LEU B 305 -0.50 3.09 20.86
CA LEU B 305 -0.15 1.71 21.17
C LEU B 305 0.67 1.03 20.08
N ILE B 306 0.43 1.42 18.82
CA ILE B 306 1.23 0.93 17.70
C ILE B 306 2.67 1.43 17.84
N GLY B 307 2.80 2.73 18.14
CA GLY B 307 4.10 3.34 18.37
C GLY B 307 4.84 2.74 19.56
N GLU B 308 4.09 2.48 20.64
CA GLU B 308 4.64 1.84 21.82
C GLU B 308 5.19 0.45 21.52
N THR B 309 4.43 -0.30 20.72
CA THR B 309 4.82 -1.66 20.32
C THR B 309 6.14 -1.67 19.54
N ILE B 310 6.25 -0.80 18.54
CA ILE B 310 7.44 -0.73 17.69
C ILE B 310 8.66 -0.24 18.47
N LYS B 311 8.45 0.68 19.40
CA LYS B 311 9.51 1.18 20.29
C LYS B 311 10.11 0.07 21.14
N ILE B 312 9.24 -0.64 21.87
CA ILE B 312 9.66 -1.72 22.76
C ILE B 312 10.33 -2.85 22.00
N VAL B 313 9.72 -3.26 20.88
CA VAL B 313 10.27 -4.32 20.03
C VAL B 313 11.70 -4.00 19.58
N ILE B 314 11.91 -2.79 19.07
CA ILE B 314 13.23 -2.37 18.59
C ILE B 314 14.23 -2.22 19.73
N GLU B 315 13.87 -1.44 20.75
CA GLU B 315 14.82 -1.03 21.78
C GLU B 315 15.02 -2.01 22.94
N GLU B 316 14.18 -3.05 23.01
CA GLU B 316 14.30 -4.07 24.05
C GLU B 316 14.19 -5.51 23.53
N TYR B 317 13.13 -5.77 22.77
CA TYR B 317 12.83 -7.11 22.23
C TYR B 317 13.92 -7.60 21.26
N VAL B 318 14.22 -6.77 20.25
CA VAL B 318 15.29 -7.08 19.29
C VAL B 318 16.65 -6.92 19.96
N GLN B 319 16.75 -5.98 20.90
CA GLN B 319 17.96 -5.80 21.70
C GLN B 319 18.37 -7.09 22.40
N GLN B 320 17.45 -7.67 23.18
CA GLN B 320 17.68 -8.92 23.92
C GLN B 320 18.03 -10.08 22.99
N LEU B 321 17.21 -10.25 21.95
CA LEU B 321 17.37 -11.31 20.96
C LEU B 321 18.75 -11.27 20.28
N SER B 322 19.16 -10.07 19.86
CA SER B 322 20.44 -9.88 19.19
C SER B 322 21.62 -9.95 20.17
N GLY B 323 21.39 -9.46 21.40
CA GLY B 323 22.43 -9.37 22.41
C GLY B 323 23.59 -8.49 21.97
N TYR B 324 23.30 -7.51 21.10
CA TYR B 324 24.32 -6.59 20.61
C TYR B 324 24.71 -5.59 21.68
N PHE B 325 25.98 -5.17 21.65
CA PHE B 325 26.50 -4.18 22.58
C PHE B 325 26.05 -2.79 22.17
N LEU B 326 25.72 -2.63 20.89
CA LEU B 326 25.15 -1.41 20.36
C LEU B 326 23.74 -1.21 20.92
N GLN B 327 23.51 -0.05 21.52
CA GLN B 327 22.21 0.30 22.06
C GLN B 327 21.29 0.69 20.90
N LEU B 328 20.40 -0.21 20.51
CA LEU B 328 19.49 0.02 19.40
C LEU B 328 18.54 1.17 19.69
N LYS B 329 17.99 1.78 18.64
CA LYS B 329 17.14 2.97 18.78
C LYS B 329 16.01 3.00 17.78
N PHE B 330 14.81 3.33 18.26
CA PHE B 330 13.66 3.57 17.39
C PHE B 330 13.44 5.06 17.18
N ASP B 331 13.85 5.54 16.01
CA ASP B 331 13.63 6.91 15.59
C ASP B 331 13.47 6.95 14.07
N PRO B 332 12.21 6.94 13.59
CA PRO B 332 11.88 6.95 12.16
C PRO B 332 12.62 8.04 11.40
N GLU B 333 13.04 9.09 12.11
CA GLU B 333 13.74 10.23 11.52
C GLU B 333 15.09 9.84 10.89
N LEU B 334 15.62 8.69 11.30
CA LEU B 334 16.85 8.15 10.73
C LEU B 334 16.70 7.77 9.26
N LEU B 335 15.47 7.50 8.85
CA LEU B 335 15.18 7.09 7.47
C LEU B 335 14.67 8.23 6.58
N PHE B 336 14.47 9.42 7.16
CA PHE B 336 13.89 10.55 6.42
C PHE B 336 14.81 11.10 5.31
N GLY B 337 16.04 10.62 5.28
CA GLY B 337 16.98 10.97 4.21
C GLY B 337 17.39 9.76 3.40
N ALA B 338 16.41 8.88 3.16
CA ALA B 338 16.66 7.61 2.50
C ALA B 338 15.53 7.23 1.56
N GLN B 339 15.85 6.41 0.57
CA GLN B 339 14.83 5.80 -0.29
C GLN B 339 14.21 4.65 0.49
N PHE B 340 12.97 4.86 0.95
CA PHE B 340 12.29 3.85 1.75
C PHE B 340 10.78 3.85 1.52
N GLN B 341 10.27 2.70 1.08
CA GLN B 341 8.84 2.49 0.92
C GLN B 341 8.24 2.16 2.28
N TYR B 342 7.23 2.92 2.68
CA TYR B 342 6.51 2.66 3.93
C TYR B 342 5.31 1.74 3.71
N ARG B 343 5.61 0.54 3.22
CA ARG B 343 4.63 -0.53 3.11
C ARG B 343 5.29 -1.88 3.38
N ASN B 344 4.50 -2.83 3.87
CA ASN B 344 5.00 -4.16 4.14
C ASN B 344 4.01 -5.26 3.80
N ARG B 345 4.52 -6.31 3.16
CA ARG B 345 3.76 -7.52 2.90
C ARG B 345 4.47 -8.67 3.61
N ILE B 346 3.76 -9.32 4.52
CA ILE B 346 4.31 -10.43 5.30
C ILE B 346 4.62 -11.62 4.41
N ALA B 347 5.86 -12.11 4.51
CA ALA B 347 6.31 -13.23 3.70
C ALA B 347 5.98 -14.56 4.32
N MET B 348 5.75 -15.56 3.47
CA MET B 348 5.54 -16.94 3.91
C MET B 348 6.81 -17.53 4.52
N GLU B 349 7.98 -17.07 4.06
CA GLU B 349 9.26 -17.48 4.61
C GLU B 349 9.42 -16.96 6.04
N PHE B 350 9.00 -15.72 6.26
CA PHE B 350 9.06 -15.10 7.58
C PHE B 350 8.19 -15.86 8.58
N ASN B 351 7.09 -16.42 8.08
CA ASN B 351 6.21 -17.28 8.86
C ASN B 351 6.96 -18.55 9.32
N GLN B 352 7.49 -19.29 8.34
CA GLN B 352 8.27 -20.51 8.59
C GLN B 352 9.38 -20.25 9.61
N LEU B 353 10.11 -19.15 9.40
CA LEU B 353 11.26 -18.77 10.24
C LEU B 353 10.89 -18.50 11.70
N TYR B 354 9.69 -17.99 11.94
CA TYR B 354 9.32 -17.50 13.28
C TYR B 354 8.72 -18.57 14.18
N HIS B 355 8.71 -19.82 13.73
CA HIS B 355 8.19 -20.92 14.55
C HIS B 355 9.18 -21.28 15.65
N TRP B 356 9.29 -20.39 16.63
CA TRP B 356 10.27 -20.52 17.71
C TRP B 356 9.73 -21.32 18.88
N HIS B 357 9.30 -22.55 18.59
CA HIS B 357 8.75 -23.45 19.61
C HIS B 357 9.78 -24.00 20.61
N PRO B 358 11.08 -24.01 20.23
CA PRO B 358 12.12 -24.34 21.20
C PRO B 358 12.11 -23.48 22.46
N LEU B 359 11.63 -22.24 22.35
CA LEU B 359 11.56 -21.31 23.49
C LEU B 359 10.77 -21.87 24.68
N MET B 360 9.77 -22.70 24.38
CA MET B 360 8.90 -23.27 25.41
C MET B 360 9.60 -24.39 26.20
N PRO B 361 9.46 -24.37 27.54
CA PRO B 361 10.22 -25.23 28.44
C PRO B 361 9.58 -26.61 28.66
N ASP B 362 10.11 -27.36 29.62
CA ASP B 362 9.55 -28.66 29.98
C ASP B 362 8.29 -28.52 30.83
N SER B 363 8.27 -27.50 31.67
CA SER B 363 7.11 -27.18 32.52
C SER B 363 7.07 -25.68 32.81
N PHE B 364 5.97 -25.22 33.40
CA PHE B 364 5.78 -23.80 33.67
C PHE B 364 5.73 -23.52 35.17
N ARG B 365 6.67 -22.70 35.64
CA ARG B 365 6.80 -22.37 37.06
C ARG B 365 6.19 -21.01 37.38
N VAL B 366 5.28 -21.01 38.36
CA VAL B 366 4.67 -19.78 38.86
C VAL B 366 4.87 -19.68 40.38
N GLY B 367 6.04 -19.19 40.77
CA GLY B 367 6.41 -19.11 42.18
C GLY B 367 6.66 -20.48 42.79
N PRO B 368 5.82 -20.89 43.76
CA PRO B 368 5.97 -22.19 44.42
C PRO B 368 5.45 -23.37 43.57
N GLN B 369 4.67 -23.07 42.54
CA GLN B 369 4.02 -24.11 41.73
C GLN B 369 4.82 -24.49 40.49
N ASP B 370 4.52 -25.66 39.94
CA ASP B 370 5.14 -26.14 38.69
C ASP B 370 4.09 -26.86 37.84
N TYR B 371 3.47 -26.11 36.93
CA TYR B 371 2.40 -26.63 36.08
C TYR B 371 2.92 -27.31 34.82
N SER B 372 2.38 -28.49 34.54
CA SER B 372 2.71 -29.22 33.31
C SER B 372 1.94 -28.65 32.12
N TYR B 373 2.31 -29.07 30.92
CA TYR B 373 1.65 -28.63 29.68
C TYR B 373 0.14 -28.87 29.68
N GLU B 374 -0.27 -30.07 30.09
CA GLU B 374 -1.69 -30.41 30.19
C GLU B 374 -2.44 -29.51 31.18
N GLN B 375 -1.78 -29.16 32.28
CA GLN B 375 -2.33 -28.25 33.28
C GLN B 375 -2.34 -26.80 32.80
N PHE B 376 -1.35 -26.43 31.99
CA PHE B 376 -1.17 -25.04 31.54
C PHE B 376 -1.98 -24.74 30.28
N LEU B 377 -1.99 -25.67 29.34
CA LEU B 377 -2.72 -25.51 28.08
C LEU B 377 -4.23 -25.49 28.28
N PHE B 378 -4.89 -24.57 27.58
CA PHE B 378 -6.35 -24.37 27.63
C PHE B 378 -6.86 -24.01 29.02
N ASN B 379 -6.02 -23.37 29.82
CA ASN B 379 -6.36 -23.00 31.19
C ASN B 379 -7.19 -21.73 31.27
N THR B 380 -8.27 -21.79 32.05
CA THR B 380 -9.27 -20.73 32.10
C THR B 380 -9.15 -19.79 33.31
N SER B 381 -8.69 -20.31 34.43
CA SER B 381 -8.70 -19.56 35.69
C SER B 381 -7.32 -19.05 36.14
N MET B 382 -6.25 -19.66 35.64
CA MET B 382 -4.88 -19.36 36.07
C MET B 382 -4.56 -17.86 36.05
N LEU B 383 -4.96 -17.18 34.97
CA LEU B 383 -4.75 -15.74 34.84
C LEU B 383 -5.49 -14.97 35.95
N VAL B 384 -6.75 -15.33 36.16
CA VAL B 384 -7.61 -14.66 37.13
C VAL B 384 -7.20 -14.99 38.57
N ASP B 385 -6.69 -16.21 38.78
CA ASP B 385 -6.24 -16.66 40.10
C ASP B 385 -5.04 -15.85 40.60
N TYR B 386 -3.96 -15.86 39.83
CA TYR B 386 -2.72 -15.19 40.23
C TYR B 386 -2.74 -13.67 39.99
N GLY B 387 -3.31 -13.26 38.87
CA GLY B 387 -3.32 -11.85 38.47
C GLY B 387 -2.20 -11.53 37.50
N VAL B 388 -2.19 -10.29 37.01
CA VAL B 388 -1.17 -9.83 36.06
C VAL B 388 0.20 -9.68 36.73
N GLU B 389 0.23 -9.02 37.89
CA GLU B 389 1.47 -8.79 38.64
C GLU B 389 2.26 -10.08 38.91
N ALA B 390 1.56 -11.13 39.33
CA ALA B 390 2.19 -12.39 39.73
C ALA B 390 2.77 -13.18 38.55
N LEU B 391 2.02 -13.25 37.45
CA LEU B 391 2.42 -14.03 36.28
C LEU B 391 3.49 -13.34 35.44
N VAL B 392 3.50 -12.00 35.47
CA VAL B 392 4.58 -11.23 34.85
C VAL B 392 5.89 -11.55 35.55
N ASP B 393 5.85 -11.57 36.89
CA ASP B 393 7.00 -11.96 37.71
C ASP B 393 7.44 -13.39 37.37
N ALA B 394 6.46 -14.27 37.16
CA ALA B 394 6.71 -15.69 36.91
C ALA B 394 7.45 -15.95 35.60
N PHE B 395 6.94 -15.40 34.51
CA PHE B 395 7.51 -15.65 33.17
C PHE B 395 8.84 -14.94 32.97
N SER B 396 9.03 -13.80 33.66
CA SER B 396 10.26 -13.02 33.56
C SER B 396 11.42 -13.65 34.34
N ARG B 397 11.11 -14.66 35.15
CA ARG B 397 12.13 -15.33 35.97
C ARG B 397 12.58 -16.67 35.42
N GLN B 398 11.70 -17.36 34.71
CA GLN B 398 12.02 -18.67 34.16
C GLN B 398 12.66 -18.56 32.77
N PRO B 399 13.84 -19.18 32.58
CA PRO B 399 14.54 -19.12 31.30
C PRO B 399 13.79 -19.80 30.16
N ALA B 400 13.84 -19.19 28.98
CA ALA B 400 13.27 -19.78 27.76
C ALA B 400 14.31 -20.66 27.08
N GLY B 401 13.83 -21.63 26.31
CA GLY B 401 14.71 -22.56 25.61
C GLY B 401 15.46 -21.95 24.45
N ARG B 402 16.68 -22.46 24.22
CA ARG B 402 17.54 -22.03 23.13
C ARG B 402 16.94 -22.45 21.79
N ILE B 403 16.78 -21.49 20.88
CA ILE B 403 16.07 -21.74 19.61
C ILE B 403 16.86 -22.64 18.66
N GLY B 404 18.07 -22.23 18.29
CA GLY B 404 18.90 -23.00 17.36
C GLY B 404 19.62 -24.17 18.02
N GLY B 405 20.50 -24.82 17.25
CA GLY B 405 21.31 -25.92 17.77
C GLY B 405 20.71 -27.29 17.55
N GLY B 406 19.40 -27.39 17.65
CA GLY B 406 18.67 -28.65 17.46
C GLY B 406 18.30 -29.34 18.76
N ARG B 407 17.45 -30.35 18.67
CA ARG B 407 17.07 -31.21 19.79
C ARG B 407 16.56 -30.44 21.01
N ASN B 408 15.72 -29.42 20.77
CA ASN B 408 15.21 -28.60 21.86
C ASN B 408 13.73 -28.19 21.70
N ILE B 409 12.92 -29.09 21.19
CA ILE B 409 11.47 -28.89 21.10
C ILE B 409 10.75 -29.92 21.95
N ASP B 410 9.91 -29.43 22.87
CA ASP B 410 9.11 -30.28 23.75
C ASP B 410 8.14 -31.14 22.93
N HIS B 411 7.96 -32.39 23.36
CA HIS B 411 7.15 -33.37 22.63
C HIS B 411 5.68 -32.98 22.47
N HIS B 412 5.16 -32.21 23.43
CA HIS B 412 3.77 -31.74 23.40
C HIS B 412 3.52 -30.91 22.15
N ILE B 413 4.41 -29.95 21.89
CA ILE B 413 4.25 -29.02 20.77
C ILE B 413 5.16 -29.36 19.59
N LEU B 414 5.68 -30.58 19.57
CA LEU B 414 6.56 -31.05 18.49
C LEU B 414 5.81 -31.23 17.17
N HIS B 415 4.51 -31.51 17.25
CA HIS B 415 3.69 -31.73 16.06
C HIS B 415 3.60 -30.50 15.16
N VAL B 416 3.87 -29.33 15.74
CA VAL B 416 3.92 -28.08 14.99
C VAL B 416 5.08 -28.13 13.99
N ALA B 417 6.29 -28.37 14.50
CA ALA B 417 7.50 -28.46 13.69
C ALA B 417 7.34 -29.41 12.51
N VAL B 418 6.61 -30.50 12.71
CA VAL B 418 6.29 -31.46 11.65
C VAL B 418 5.47 -30.78 10.55
N ASP B 419 4.37 -30.14 10.96
CA ASP B 419 3.46 -29.46 10.03
C ASP B 419 4.13 -28.34 9.23
N VAL B 420 5.09 -27.65 9.84
CA VAL B 420 5.85 -26.59 9.18
C VAL B 420 6.64 -27.16 7.99
N ILE B 421 7.30 -28.29 8.20
CA ILE B 421 8.03 -28.99 7.14
C ILE B 421 7.07 -29.42 6.02
N LYS B 422 5.95 -30.01 6.41
CA LYS B 422 4.94 -30.47 5.46
C LYS B 422 4.25 -29.32 4.72
N GLU B 423 4.15 -28.17 5.38
CA GLU B 423 3.60 -26.96 4.76
C GLU B 423 4.57 -26.41 3.72
N SER B 424 5.87 -26.47 4.04
CA SER B 424 6.94 -26.02 3.16
C SER B 424 6.94 -26.78 1.82
N ARG B 425 6.66 -28.07 1.88
CA ARG B 425 6.63 -28.93 0.69
C ARG B 425 5.40 -28.67 -0.17
N VAL B 426 4.31 -28.26 0.46
CA VAL B 426 3.11 -27.79 -0.25
C VAL B 426 3.45 -26.45 -0.91
N LEU B 427 4.10 -25.58 -0.15
CA LEU B 427 4.54 -24.26 -0.61
C LEU B 427 5.68 -24.32 -1.62
N ARG B 428 6.23 -25.51 -1.83
CA ARG B 428 7.36 -25.73 -2.74
C ARG B 428 8.50 -24.71 -2.54
N LEU B 429 8.86 -24.49 -1.28
CA LEU B 429 9.95 -23.58 -0.91
C LEU B 429 11.30 -24.04 -1.44
N GLN B 430 12.11 -23.11 -1.91
CA GLN B 430 13.45 -23.40 -2.41
C GLN B 430 14.38 -23.89 -1.29
N PRO B 431 15.46 -24.60 -1.65
CA PRO B 431 16.44 -25.10 -0.67
C PRO B 431 17.00 -24.03 0.28
N PHE B 432 17.47 -24.49 1.44
CA PHE B 432 18.09 -23.64 2.45
C PHE B 432 19.23 -22.78 1.87
N ASN B 433 20.10 -23.43 1.10
CA ASN B 433 21.25 -22.76 0.48
C ASN B 433 20.89 -21.73 -0.59
N GLU B 434 19.71 -21.87 -1.18
CA GLU B 434 19.20 -20.89 -2.15
C GLU B 434 18.80 -19.60 -1.46
N TYR B 435 18.24 -19.74 -0.25
CA TYR B 435 17.90 -18.57 0.57
C TYR B 435 19.15 -17.94 1.18
N ARG B 436 20.18 -18.76 1.40
CA ARG B 436 21.46 -18.26 1.89
C ARG B 436 22.05 -17.27 0.89
N LYS B 437 22.10 -17.66 -0.38
CA LYS B 437 22.58 -16.79 -1.45
C LYS B 437 21.69 -15.57 -1.62
N ARG B 438 20.41 -15.74 -1.30
CA ARG B 438 19.43 -14.66 -1.39
C ARG B 438 19.62 -13.62 -0.27
N PHE B 439 20.21 -14.05 0.84
CA PHE B 439 20.48 -13.15 1.96
C PHE B 439 21.97 -12.89 2.21
N GLY B 440 22.73 -12.82 1.11
CA GLY B 440 24.13 -12.41 1.14
C GLY B 440 25.12 -13.35 1.80
N MET B 441 24.74 -14.62 1.92
CA MET B 441 25.59 -15.62 2.57
C MET B 441 26.11 -16.64 1.56
N LYS B 442 27.23 -17.27 1.90
CA LYS B 442 27.76 -18.38 1.11
C LYS B 442 26.91 -19.62 1.36
N PRO B 443 26.64 -20.40 0.29
CA PRO B 443 26.00 -21.70 0.50
C PRO B 443 26.93 -22.68 1.20
N TYR B 444 26.37 -23.54 2.05
CA TYR B 444 27.14 -24.56 2.75
C TYR B 444 27.54 -25.68 1.79
N THR B 445 28.80 -26.10 1.88
CA THR B 445 29.34 -27.14 1.01
C THR B 445 29.12 -28.54 1.59
N SER B 446 28.80 -28.59 2.89
CA SER B 446 28.58 -29.85 3.60
C SER B 446 27.64 -29.68 4.79
N PHE B 447 27.10 -30.79 5.28
CA PHE B 447 26.28 -30.79 6.49
C PHE B 447 27.12 -30.61 7.74
N GLN B 448 28.36 -31.08 7.69
CA GLN B 448 29.32 -30.95 8.79
C GLN B 448 29.61 -29.48 9.08
N GLU B 449 29.64 -28.67 8.03
CA GLU B 449 29.85 -27.24 8.13
C GLU B 449 28.63 -26.54 8.73
N LEU B 450 27.44 -27.06 8.43
CA LEU B 450 26.17 -26.52 8.94
C LEU B 450 26.01 -26.74 10.44
N THR B 451 26.24 -27.96 10.91
CA THR B 451 25.96 -28.33 12.29
C THR B 451 27.12 -28.04 13.26
N GLY B 452 28.34 -28.14 12.78
CA GLY B 452 29.53 -27.95 13.61
C GLY B 452 29.99 -29.25 14.24
N GLU B 453 29.04 -30.11 14.59
CA GLU B 453 29.31 -31.45 15.08
C GLU B 453 29.35 -32.45 13.91
N LYS B 454 29.35 -33.75 14.21
CA LYS B 454 29.56 -34.77 13.18
C LYS B 454 28.44 -35.83 13.06
N GLU B 455 27.77 -36.12 14.18
CA GLU B 455 26.76 -37.19 14.20
C GLU B 455 25.47 -36.82 13.47
N MET B 456 24.85 -35.70 13.85
CA MET B 456 23.65 -35.19 13.16
C MET B 456 23.91 -34.92 11.68
N ALA B 457 25.11 -34.43 11.38
CA ALA B 457 25.53 -34.10 10.01
C ALA B 457 25.51 -35.32 9.09
N ALA B 458 26.01 -36.44 9.58
CA ALA B 458 26.11 -37.68 8.81
C ALA B 458 24.75 -38.25 8.40
N GLU B 459 23.81 -38.26 9.33
CA GLU B 459 22.48 -38.81 9.09
C GLU B 459 21.62 -37.89 8.22
N LEU B 460 21.85 -36.58 8.33
CA LEU B 460 21.20 -35.61 7.46
C LEU B 460 21.73 -35.71 6.04
N GLU B 461 23.02 -36.04 5.92
CA GLU B 461 23.68 -36.24 4.63
C GLU B 461 23.17 -37.54 3.99
N GLU B 462 22.81 -38.51 4.84
CA GLU B 462 22.23 -39.77 4.39
C GLU B 462 20.79 -39.59 3.90
N LEU B 463 19.97 -38.94 4.74
CA LEU B 463 18.55 -38.73 4.43
C LEU B 463 18.33 -37.82 3.23
N TYR B 464 19.02 -36.68 3.20
CA TYR B 464 18.86 -35.70 2.13
C TYR B 464 19.68 -36.04 0.88
N GLY B 465 20.83 -36.67 1.08
CA GLY B 465 21.73 -37.02 -0.03
C GLY B 465 22.70 -35.92 -0.40
N ASP B 466 22.22 -34.68 -0.36
CA ASP B 466 23.02 -33.50 -0.70
C ASP B 466 22.69 -32.34 0.23
N ILE B 467 23.69 -31.50 0.50
CA ILE B 467 23.51 -30.31 1.34
C ILE B 467 22.64 -29.24 0.65
N ASP B 468 22.70 -29.18 -0.67
CA ASP B 468 21.88 -28.24 -1.45
C ASP B 468 20.41 -28.70 -1.55
N ALA B 469 20.11 -29.84 -0.96
CA ALA B 469 18.75 -30.38 -0.93
C ALA B 469 18.04 -30.11 0.40
N LEU B 470 18.81 -29.64 1.39
CA LEU B 470 18.30 -29.30 2.71
C LEU B 470 17.19 -28.26 2.66
N GLU B 471 16.19 -28.42 3.51
CA GLU B 471 15.03 -27.54 3.55
C GLU B 471 15.24 -26.32 4.44
N PHE B 472 14.40 -25.31 4.22
CA PHE B 472 14.48 -24.02 4.89
C PHE B 472 14.40 -24.09 6.41
N TYR B 473 13.33 -24.69 6.93
CA TYR B 473 13.08 -24.70 8.38
C TYR B 473 13.96 -25.68 9.18
N PRO B 474 14.18 -26.91 8.67
CA PRO B 474 15.18 -27.76 9.31
C PRO B 474 16.57 -27.13 9.30
N GLY B 475 16.92 -26.47 8.20
CA GLY B 475 18.21 -25.80 8.09
C GLY B 475 18.43 -24.67 9.07
N LEU B 476 17.34 -23.97 9.41
CA LEU B 476 17.40 -22.84 10.32
C LEU B 476 17.62 -23.23 11.78
N LEU B 477 17.12 -24.41 12.15
CA LEU B 477 17.16 -24.85 13.54
C LEU B 477 18.35 -25.76 13.88
N LEU B 478 18.85 -26.47 12.87
CA LEU B 478 19.94 -27.42 13.07
C LEU B 478 21.31 -26.80 12.82
N GLU B 479 21.32 -25.55 12.36
CA GLU B 479 22.55 -24.81 12.12
C GLU B 479 23.25 -24.45 13.43
N LYS B 480 24.58 -24.56 13.42
CA LYS B 480 25.41 -24.17 14.56
C LYS B 480 25.13 -22.75 15.01
N CYS B 481 24.94 -22.56 16.32
CA CYS B 481 24.72 -21.25 16.90
C CYS B 481 26.05 -20.51 17.06
N HIS B 482 25.99 -19.18 17.02
CA HIS B 482 27.14 -18.36 17.38
C HIS B 482 27.51 -18.68 18.83
N PRO B 483 28.82 -18.64 19.15
CA PRO B 483 29.22 -18.90 20.53
C PRO B 483 28.32 -18.18 21.53
N ASN B 484 27.72 -18.95 22.43
CA ASN B 484 26.82 -18.43 23.47
C ASN B 484 25.62 -17.62 22.95
N SER B 485 25.08 -18.03 21.80
CA SER B 485 23.92 -17.35 21.22
C SER B 485 22.66 -18.22 21.23
N ILE B 486 21.53 -17.58 20.93
CA ILE B 486 20.23 -18.25 20.91
C ILE B 486 20.02 -19.06 19.62
N PHE B 487 20.57 -18.57 18.51
CA PHE B 487 20.56 -19.30 17.24
C PHE B 487 21.75 -18.95 16.33
N GLY B 488 21.78 -19.57 15.15
CA GLY B 488 22.85 -19.35 14.17
C GLY B 488 22.69 -18.08 13.36
N GLU B 489 23.61 -17.86 12.42
CA GLU B 489 23.63 -16.64 11.61
C GLU B 489 22.44 -16.52 10.67
N SER B 490 21.96 -17.64 10.16
CA SER B 490 20.90 -17.65 9.17
C SER B 490 19.56 -17.14 9.73
N MET B 491 19.34 -17.31 11.03
CA MET B 491 18.14 -16.79 11.67
C MET B 491 18.19 -15.27 11.75
N ILE B 492 19.40 -14.73 11.96
CA ILE B 492 19.59 -13.28 11.97
C ILE B 492 19.57 -12.73 10.56
N GLU B 493 20.49 -13.22 9.72
CA GLU B 493 20.70 -12.70 8.36
C GLU B 493 19.49 -12.85 7.45
N MET B 494 18.63 -13.81 7.77
CA MET B 494 17.37 -13.99 7.02
C MET B 494 16.20 -13.30 7.71
N GLY B 495 16.19 -13.31 9.04
CA GLY B 495 15.07 -12.78 9.82
C GLY B 495 15.07 -11.28 10.03
N ALA B 496 16.26 -10.69 10.15
CA ALA B 496 16.40 -9.24 10.36
C ALA B 496 15.81 -8.38 9.24
N PRO B 497 16.05 -8.74 7.95
CA PRO B 497 15.47 -7.96 6.86
C PRO B 497 13.95 -7.92 6.88
N PHE B 498 13.31 -9.02 7.26
CA PHE B 498 11.85 -9.10 7.31
C PHE B 498 11.26 -8.25 8.43
N SER B 499 11.79 -8.44 9.64
CA SER B 499 11.23 -7.81 10.84
C SER B 499 11.45 -6.29 10.88
N LEU B 500 12.60 -5.83 10.40
CA LEU B 500 12.90 -4.39 10.40
C LEU B 500 12.14 -3.64 9.32
N LYS B 501 11.95 -4.29 8.17
CA LYS B 501 11.10 -3.77 7.10
C LYS B 501 9.64 -3.72 7.56
N GLY B 502 9.24 -4.69 8.37
CA GLY B 502 7.90 -4.75 8.93
C GLY B 502 7.65 -3.69 9.98
N LEU B 503 8.66 -3.40 10.80
CA LEU B 503 8.55 -2.42 11.87
C LEU B 503 8.59 -0.99 11.35
N LEU B 504 9.67 -0.65 10.64
CA LEU B 504 9.84 0.70 10.09
C LEU B 504 8.95 0.97 8.88
N GLY B 505 8.49 -0.10 8.22
CA GLY B 505 7.59 0.02 7.07
C GLY B 505 6.16 0.37 7.46
N ASN B 506 5.90 0.45 8.76
CA ASN B 506 4.63 0.91 9.28
C ASN B 506 4.45 2.40 8.98
N PRO B 507 3.29 2.77 8.41
CA PRO B 507 2.99 4.14 7.98
C PRO B 507 3.21 5.21 9.05
N ILE B 508 3.15 4.84 10.32
CA ILE B 508 3.40 5.81 11.41
C ILE B 508 4.86 6.28 11.44
N CYS B 509 5.74 5.51 10.83
CA CYS B 509 7.15 5.84 10.73
C CYS B 509 7.48 6.75 9.53
N SER B 510 6.46 7.10 8.76
CA SER B 510 6.64 7.99 7.61
C SER B 510 6.67 9.46 8.06
N PRO B 511 7.33 10.33 7.27
CA PRO B 511 7.35 11.77 7.58
C PRO B 511 5.95 12.38 7.68
N GLU B 512 5.01 11.85 6.91
CA GLU B 512 3.62 12.32 6.90
C GLU B 512 2.91 12.02 8.21
N TYR B 513 3.18 10.85 8.79
CA TYR B 513 2.50 10.40 9.98
C TYR B 513 3.25 10.75 11.27
N TRP B 514 4.58 10.63 11.24
CA TRP B 514 5.43 10.82 12.43
C TRP B 514 5.44 12.27 12.94
N LYS B 515 4.28 12.72 13.40
CA LYS B 515 4.07 14.06 13.94
C LYS B 515 3.42 13.93 15.30
N ALA B 516 3.55 14.96 16.13
CA ALA B 516 2.92 14.98 17.45
C ALA B 516 1.39 14.95 17.37
N SER B 517 0.83 15.66 16.39
CA SER B 517 -0.62 15.74 16.19
C SER B 517 -1.28 14.37 16.01
N THR B 518 -0.58 13.48 15.30
CA THR B 518 -1.05 12.12 15.05
C THR B 518 -1.41 11.40 16.35
N PHE B 519 -0.72 11.77 17.42
CA PHE B 519 -0.88 11.13 18.73
C PHE B 519 -1.53 12.08 19.73
N GLY B 520 -2.31 13.03 19.21
CA GLY B 520 -3.06 13.97 20.03
C GLY B 520 -2.22 15.02 20.75
N GLY B 521 -0.99 15.20 20.28
CA GLY B 521 -0.08 16.20 20.87
C GLY B 521 1.20 15.59 21.40
N GLU B 522 1.91 16.36 22.23
CA GLU B 522 3.19 15.95 22.79
C GLU B 522 3.06 14.83 23.82
N VAL B 523 1.90 14.75 24.47
CA VAL B 523 1.66 13.74 25.51
C VAL B 523 1.70 12.33 24.93
N GLY B 524 0.93 12.10 23.87
CA GLY B 524 0.90 10.82 23.19
C GLY B 524 2.22 10.52 22.51
N PHE B 525 2.83 11.55 21.92
CA PHE B 525 4.09 11.41 21.21
C PHE B 525 5.24 11.02 22.13
N ASN B 526 5.21 11.51 23.37
CA ASN B 526 6.20 11.14 24.37
C ASN B 526 6.02 9.71 24.88
N LEU B 527 4.77 9.29 25.05
CA LEU B 527 4.46 7.93 25.46
C LEU B 527 5.06 6.91 24.50
N VAL B 528 5.02 7.22 23.20
CA VAL B 528 5.67 6.41 22.18
C VAL B 528 7.19 6.49 22.34
N LYS B 529 7.71 7.70 22.50
CA LYS B 529 9.15 7.96 22.62
C LYS B 529 9.77 7.43 23.93
N THR B 530 8.93 7.12 24.92
CA THR B 530 9.42 6.67 26.23
C THR B 530 8.82 5.32 26.67
N ALA B 531 8.26 4.59 25.71
CA ALA B 531 7.65 3.29 25.97
C ALA B 531 8.67 2.26 26.47
N THR B 532 8.23 1.39 27.36
CA THR B 532 9.06 0.34 27.93
C THR B 532 8.18 -0.88 28.25
N LEU B 533 8.79 -2.06 28.27
CA LEU B 533 8.11 -3.27 28.73
C LEU B 533 7.68 -3.08 30.19
N LYS B 534 8.61 -2.54 30.99
CA LYS B 534 8.38 -2.22 32.39
C LYS B 534 7.21 -1.25 32.57
N LYS B 535 7.21 -0.18 31.77
CA LYS B 535 6.16 0.84 31.85
C LYS B 535 4.82 0.32 31.33
N LEU B 536 4.87 -0.63 30.39
CA LEU B 536 3.67 -1.26 29.85
C LEU B 536 2.96 -2.07 30.92
N VAL B 537 3.73 -2.69 31.81
CA VAL B 537 3.19 -3.48 32.90
C VAL B 537 2.86 -2.60 34.11
N CYS B 538 3.89 -1.96 34.67
CA CYS B 538 3.79 -1.32 35.99
C CYS B 538 3.01 -0.01 36.05
N LEU B 539 2.58 0.50 34.90
CA LEU B 539 1.68 1.65 34.86
C LEU B 539 0.23 1.17 34.73
N ASN B 540 0.05 -0.14 34.61
CA ASN B 540 -1.27 -0.74 34.52
C ASN B 540 -1.60 -1.67 35.68
N THR B 541 -0.67 -1.76 36.63
CA THR B 541 -0.82 -2.63 37.81
C THR B 541 -0.79 -1.85 39.12
N LYS B 542 -1.19 -2.50 40.21
CA LYS B 542 -1.13 -1.91 41.55
C LYS B 542 0.31 -1.91 42.09
N THR B 543 1.01 -3.03 41.89
CA THR B 543 2.41 -3.15 42.27
C THR B 543 3.27 -3.55 41.07
N CYS B 544 4.55 -3.19 41.11
CA CYS B 544 5.48 -3.50 40.02
C CYS B 544 6.33 -4.72 40.35
N PRO B 545 6.17 -5.80 39.57
CA PRO B 545 6.98 -7.02 39.73
C PRO B 545 8.24 -6.97 38.89
N TYR B 546 9.01 -8.05 38.88
CA TYR B 546 10.15 -8.15 37.97
C TYR B 546 9.63 -8.32 36.54
N VAL B 547 9.93 -7.32 35.70
CA VAL B 547 9.50 -7.32 34.31
C VAL B 547 10.70 -7.04 33.40
N SER B 548 11.02 -8.02 32.56
CA SER B 548 12.18 -7.96 31.67
C SER B 548 12.05 -9.00 30.56
N PHE B 549 12.83 -8.82 29.50
CA PHE B 549 12.94 -9.83 28.44
C PHE B 549 14.01 -10.87 28.75
N HIS B 550 14.68 -10.69 29.88
CA HIS B 550 15.71 -11.63 30.33
C HIS B 550 15.58 -11.94 31.82
N VAL B 551 16.15 -13.08 32.23
CA VAL B 551 16.16 -13.50 33.62
C VAL B 551 17.11 -12.62 34.45
N PRO B 552 16.92 -12.59 35.78
CA PRO B 552 17.92 -11.94 36.65
C PRO B 552 19.19 -12.78 36.75
N ASP B 553 20.28 -12.18 37.22
CA ASP B 553 21.58 -12.85 37.30
C ASP B 553 21.55 -14.14 38.13
C1 NAG C . -3.52 32.87 14.77
C2 NAG C . -3.22 34.36 14.92
C3 NAG C . -4.34 35.12 15.63
C4 NAG C . -5.73 34.76 15.08
C5 NAG C . -5.88 33.25 14.94
C6 NAG C . -7.19 32.88 14.24
C7 NAG C . -0.93 35.18 15.05
C8 NAG C . 0.29 35.33 15.90
N2 NAG C . -1.97 34.57 15.62
O3 NAG C . -4.10 36.49 15.48
O4 NAG C . -6.83 35.32 15.81
O5 NAG C . -4.81 32.70 14.19
O6 NAG C . -8.23 32.82 15.20
O7 NAG C . -0.93 35.61 13.89
C1 NDG C . -6.57 35.75 17.17
C2 NDG C . -7.82 35.65 18.05
C3 NDG C . -8.79 36.80 17.79
C4 NDG C . -8.08 38.15 17.78
C5 NDG C . -6.89 38.11 16.83
C6 NDG C . -6.13 39.43 16.76
C7 NDG C . -8.56 33.47 18.85
C8 NDG C . -9.29 32.19 18.51
O5 NDG C . -6.02 37.07 17.23
O3 NDG C . -9.79 36.80 18.80
O4 NDG C . -9.00 39.17 17.41
O6 NDG C . -5.26 39.55 17.86
O7 NDG C . -8.09 33.62 19.98
N2 NDG C . -8.49 34.37 17.87
C1 NAG D . -14.59 -0.01 5.89
C2 NAG D . -15.13 -1.44 5.96
C3 NAG D . -16.65 -1.48 5.88
C4 NAG D . -17.28 -0.36 6.68
C5 NAG D . -16.75 1.02 6.24
C6 NAG D . -16.51 1.92 7.46
C7 NAG D . -13.52 -3.11 5.13
C8 NAG D . -13.03 -3.89 3.95
N2 NAG D . -14.54 -2.27 4.91
O3 NAG D . -17.11 -2.73 6.36
O4 NAG D . -18.69 -0.41 6.53
O5 NAG D . -15.57 0.92 5.46
O6 NAG D . -17.68 2.65 7.73
O7 NAG D . -12.96 -3.25 6.23
C1 NAG D . -19.39 -0.37 7.80
C2 NAG D . -20.87 -0.14 7.53
C3 NAG D . -21.67 -0.10 8.84
C4 NAG D . -21.33 -1.29 9.73
C5 NAG D . -19.81 -1.46 9.87
C6 NAG D . -19.45 -2.71 10.67
C7 NAG D . -21.33 1.11 5.46
C8 NAG D . -21.50 -0.17 4.71
N2 NAG D . -21.05 1.09 6.77
O3 NAG D . -23.06 -0.12 8.54
O4 NAG D . -21.94 -1.12 10.99
O5 NAG D . -19.21 -1.53 8.59
O6 NAG D . -19.44 -3.84 9.83
O7 NAG D . -21.46 2.17 4.85
C1 NAG E . -28.50 4.31 -32.93
C2 NAG E . -29.94 4.60 -33.39
C3 NAG E . -30.17 4.25 -34.87
C4 NAG E . -29.00 4.70 -35.76
C5 NAG E . -27.68 4.21 -35.15
C6 NAG E . -26.46 4.57 -35.97
C7 NAG E . -31.61 4.32 -31.61
C8 NAG E . -32.45 3.33 -30.88
N2 NAG E . -30.84 3.81 -32.57
O3 NAG E . -31.37 4.83 -35.32
O4 NAG E . -29.19 4.22 -37.08
O5 NAG E . -27.55 4.77 -33.86
O6 NAG E . -25.85 3.39 -36.44
O7 NAG E . -31.65 5.52 -31.32
C1 NAG E . -29.30 5.33 -38.01
C2 NAG E . -29.42 4.77 -39.43
C3 NAG E . -29.72 5.86 -40.46
C4 NAG E . -30.84 6.80 -39.99
C5 NAG E . -30.53 7.30 -38.58
C6 NAG E . -31.63 8.22 -38.04
C7 NAG E . -28.06 2.74 -39.76
C8 NAG E . -26.73 2.20 -40.18
N2 NAG E . -28.20 4.07 -39.80
O3 NAG E . -30.08 5.27 -41.69
O4 NAG E . -30.98 7.87 -40.89
O5 NAG E . -30.38 6.19 -37.71
O6 NAG E . -31.18 8.86 -36.87
O7 NAG E . -28.95 1.97 -39.40
C1 NAG F . -7.31 -13.50 -3.77
C2 NAG F . -8.80 -13.09 -3.80
C3 NAG F . -9.68 -14.28 -3.45
C4 NAG F . -9.36 -15.51 -4.29
C5 NAG F . -7.86 -15.81 -4.31
C6 NAG F . -7.53 -16.79 -5.43
C7 NAG F . -9.71 -10.88 -3.28
C8 NAG F . -9.91 -9.81 -2.24
N2 NAG F . -9.05 -11.98 -2.91
O3 NAG F . -11.03 -13.93 -3.66
O4 NAG F . -10.09 -16.60 -3.76
O5 NAG F . -7.09 -14.65 -4.57
O6 NAG F . -6.56 -17.72 -5.00
O7 NAG F . -10.17 -10.71 -4.42
C1 NAG F . -10.63 -17.46 -4.80
C2 NAG F . -10.91 -18.83 -4.19
C3 NAG F . -11.64 -19.79 -5.13
C4 NAG F . -12.69 -19.10 -6.01
C5 NAG F . -12.19 -17.74 -6.53
C6 NAG F . -13.26 -16.98 -7.31
C7 NAG F . -9.37 -19.70 -2.47
C8 NAG F . -10.42 -19.38 -1.44
N2 NAG F . -9.66 -19.42 -3.75
O3 NAG F . -12.28 -20.77 -4.33
O4 NAG F . -13.17 -19.90 -7.10
O5 NAG F . -11.78 -16.95 -5.43
O6 NAG F . -13.78 -15.91 -6.56
O7 NAG F . -8.31 -20.19 -2.13
C1 BMA F . -12.45 -21.14 -7.35
C2 BMA F . -13.39 -22.34 -7.18
C3 BMA F . -14.37 -22.47 -8.36
C4 BMA F . -13.72 -22.07 -9.68
C5 BMA F . -12.19 -22.10 -9.54
C6 BMA F . -11.46 -21.86 -10.87
O2 BMA F . -14.10 -22.23 -5.97
O3 BMA F . -15.51 -21.67 -8.13
O4 BMA F . -14.20 -22.87 -10.73
O5 BMA F . -11.76 -21.13 -8.59
O6 BMA F . -11.56 -23.02 -11.67
C1 BMA F . -15.04 -22.09 -11.60
C2 BMA F . -15.94 -22.99 -12.47
C3 BMA F . -16.92 -22.17 -13.32
C4 BMA F . -17.57 -21.00 -12.55
C5 BMA F . -16.50 -20.25 -11.76
C6 BMA F . -17.03 -19.10 -10.91
O2 BMA F . -16.63 -23.89 -11.63
O3 BMA F . -17.93 -23.00 -13.82
O4 BMA F . -18.23 -20.15 -13.47
O5 BMA F . -15.87 -21.17 -10.91
O6 BMA F . -15.94 -18.27 -10.54
C1 MAN F . -19.63 -20.06 -13.10
C2 MAN F . -20.52 -20.35 -14.30
C3 MAN F . -21.99 -20.33 -13.87
C4 MAN F . -22.36 -19.10 -13.04
C5 MAN F . -21.29 -18.67 -12.04
C6 MAN F . -21.43 -19.35 -10.67
O2 MAN F . -20.18 -21.59 -14.86
O3 MAN F . -22.32 -21.50 -13.16
O4 MAN F . -22.62 -18.02 -13.91
O5 MAN F . -19.97 -18.81 -12.54
O6 MAN F . -20.44 -18.88 -9.79
C1 NAG G . -5.93 -23.69 37.01
C2 NAG G . -5.60 -25.16 37.20
C3 NAG G . -5.76 -25.51 38.68
C4 NAG G . -5.00 -24.53 39.58
C5 NAG G . -5.19 -23.07 39.15
C6 NAG G . -4.24 -22.11 39.85
C7 NAG G . -5.97 -27.03 35.66
C8 NAG G . -6.97 -27.73 34.78
N2 NAG G . -6.43 -25.96 36.32
O3 NAG G . -5.28 -26.83 38.90
O4 NAG G . -5.46 -24.72 40.91
O5 NAG G . -5.01 -22.93 37.75
O6 NAG G . -4.16 -20.89 39.13
O7 NAG G . -4.82 -27.45 35.74
C1 NAG G . -4.38 -25.00 41.83
C2 NAG G . -4.77 -24.46 43.20
C3 NAG G . -3.73 -24.81 44.26
C4 NAG G . -3.45 -26.31 44.24
C5 NAG G . -3.07 -26.77 42.83
C6 NAG G . -2.94 -28.29 42.76
C7 NAG G . -6.22 -22.50 43.00
C8 NAG G . -6.31 -21.00 42.97
N2 NAG G . -5.00 -23.02 43.16
O3 NAG G . -4.22 -24.44 45.53
O4 NAG G . -2.40 -26.61 45.15
O5 NAG G . -4.08 -26.39 41.89
O6 NAG G . -1.85 -28.72 43.55
O7 NAG G . -7.25 -23.16 42.88
CHA HEM H . -20.09 10.97 -12.96
CHB HEM H . -23.07 10.79 -16.77
CHC HEM H . -19.59 12.67 -19.59
CHD HEM H . -16.49 12.61 -15.86
C1A HEM H . -21.25 10.96 -13.71
C2A HEM H . -22.61 11.03 -13.21
C3A HEM H . -23.44 10.99 -14.27
C4A HEM H . -22.62 10.87 -15.46
CMA HEM H . -24.99 11.03 -14.24
CAA HEM H . -22.99 11.17 -11.71
CBA HEM H . -23.78 9.97 -11.19
CGA HEM H . -24.89 10.48 -10.30
O1A HEM H . -24.67 10.61 -9.06
O2A HEM H . -26.00 10.76 -10.83
C1B HEM H . -22.39 11.23 -17.89
C2B HEM H . -22.88 11.24 -19.25
C3B HEM H . -21.92 11.76 -20.03
C4B HEM H . -20.79 12.10 -19.19
CMB HEM H . -24.27 10.73 -19.71
CAB HEM H . -21.99 11.96 -21.56
CBB HEM H . -22.67 12.99 -22.08
C1C HEM H . -18.42 12.74 -18.85
C2C HEM H . -17.09 13.00 -19.37
C3C HEM H . -16.23 12.97 -18.34
C4C HEM H . -17.00 12.71 -17.13
CMC HEM H . -16.73 13.24 -20.85
CAC HEM H . -14.70 13.20 -18.42
CBC HEM H . -13.85 12.60 -17.59
C1D HEM H . -17.12 12.03 -14.76
C2D HEM H . -16.45 11.51 -13.60
C3D HEM H . -17.58 10.98 -12.68
C4D HEM H . -18.80 11.26 -13.40
CMD HEM H . -14.93 11.47 -13.32
CAD HEM H . -17.41 10.32 -11.29
CBD HEM H . -17.56 8.81 -11.45
CGD HEM H . -18.36 8.26 -10.32
O1D HEM H . -17.76 7.73 -9.35
O2D HEM H . -19.62 8.34 -10.37
NA HEM H . -21.29 10.87 -15.08
NB HEM H . -21.12 11.76 -17.88
NC HEM H . -18.32 12.58 -17.48
ND HEM H . -18.49 11.86 -14.62
FE HEM H . -19.80 11.77 -16.27
C1 BOG I . 9.53 36.97 -10.67
O1 BOG I . 9.39 37.51 -11.95
C2 BOG I . 10.77 36.14 -10.61
O2 BOG I . 10.79 35.27 -11.69
C3 BOG I . 10.69 35.43 -9.31
O3 BOG I . 11.69 34.45 -9.24
C4 BOG I . 10.82 36.50 -8.23
O4 BOG I . 10.71 35.96 -6.93
C5 BOG I . 9.73 37.56 -8.44
O5 BOG I . 9.84 37.97 -9.76
C6 BOG I . 9.99 38.83 -7.68
O6 BOG I . 8.77 39.52 -7.47
C1' BOG I . 8.07 37.29 -12.34
C2' BOG I . 7.79 38.31 -13.42
C3' BOG I . 6.74 39.27 -12.93
C4' BOG I . 7.05 40.67 -13.41
C5' BOG I . 5.85 41.55 -13.15
C6' BOG I . 5.56 42.46 -14.35
C7' BOG I . 4.09 42.43 -14.77
C8' BOG I . 3.91 41.87 -16.18
C1 BOG J . 5.24 23.58 -10.00
O1 BOG J . 5.41 23.07 -11.29
C2 BOG J . 4.55 24.90 -10.11
O2 BOG J . 5.26 25.69 -11.00
C3 BOG J . 4.52 25.50 -8.74
O3 BOG J . 3.97 26.80 -8.81
C4 BOG J . 3.70 24.57 -7.85
O4 BOG J . 3.67 25.01 -6.50
C5 BOG J . 4.32 23.17 -7.93
O5 BOG J . 4.32 22.85 -9.28
C6 BOG J . 3.51 22.07 -7.30
O6 BOG J . 2.13 22.17 -7.62
C1' BOG J . 6.55 22.27 -11.29
C2' BOG J . 7.72 23.12 -11.75
C3' BOG J . 7.77 23.18 -13.26
C4' BOG J . 9.16 23.58 -13.70
C5' BOG J . 9.11 24.07 -15.14
C6' BOG J . 9.34 25.58 -15.21
C7' BOG J . 10.81 25.96 -15.43
C8' BOG J . 11.05 26.57 -16.81
C1 BOG K . 1.26 36.95 -15.29
O1 BOG K . 1.03 37.44 -14.00
C2 BOG K . -0.03 36.97 -16.04
O2 BOG K . -1.00 36.31 -15.30
C3 BOG K . 0.24 36.28 -17.34
O3 BOG K . -0.97 36.05 -18.02
C4 BOG K . 1.20 37.20 -18.09
O4 BOG K . 1.50 36.74 -19.39
C5 BOG K . 2.46 37.32 -17.24
O5 BOG K . 2.03 37.84 -16.02
C6 BOG K . 3.43 38.38 -17.72
O6 BOG K . 4.70 37.79 -17.94
C1' BOG K . 1.91 36.78 -13.16
C FLP L . -5.92 17.45 -14.10
C1 FLP L . -4.72 17.92 -14.34
C2 FLP L . -3.73 17.11 -15.19
C3 FLP L . -4.09 15.92 -15.65
C4 FLP L . -5.47 15.37 -15.36
C5 FLP L . -6.33 16.08 -14.64
C6 FLP L . -2.33 17.65 -15.47
C7 FLP L . -1.12 16.77 -15.13
C8 FLP L . 0.10 17.21 -15.34
C9 FLP L . 0.31 18.61 -15.95
C10 FLP L . -0.72 19.37 -16.23
C11 FLP L . -2.14 18.86 -15.98
C12 FLP L . 1.72 19.14 -16.21
C13 FLP L . 2.70 18.04 -16.68
C14 FLP L . 2.22 19.82 -14.93
O FLP L . 2.37 19.18 -13.95
O1 FLP L . 2.07 20.99 -14.82
F FLP L . -3.21 19.66 -16.29
CHA HEM M . 1.11 -21.31 15.33
CHB HEM M . 1.16 -24.18 19.23
CHC HEM M . 4.55 -21.39 21.28
CHD HEM M . 5.02 -18.92 17.11
C1A HEM M . 0.75 -22.27 16.24
C2A HEM M . -0.41 -23.15 16.17
C3A HEM M . -0.40 -23.95 17.24
C4A HEM M . 0.77 -23.61 18.04
CMA HEM M . -1.43 -25.06 17.60
CAA HEM M . -1.46 -23.15 15.03
CBA HEM M . -1.13 -24.20 13.97
CGA HEM M . 0.22 -23.94 13.34
O1A HEM M . 0.37 -22.89 12.64
O2A HEM M . 1.14 -24.77 13.52
C1B HEM M . 1.92 -23.55 20.18
C2B HEM M . 1.77 -23.67 21.62
C3B HEM M . 2.70 -22.89 22.19
C4B HEM M . 3.48 -22.27 21.14
CMB HEM M . 0.70 -24.52 22.34
CAB HEM M . 2.92 -22.70 23.72
CBB HEM M . 3.23 -23.73 24.49
C1C HEM M . 5.02 -20.51 20.31
C2C HEM M . 6.16 -19.60 20.44
C3C HEM M . 6.28 -18.93 19.29
C4C HEM M . 5.23 -19.38 18.39
CMC HEM M . 7.07 -19.45 21.69
CAC HEM M . 7.35 -17.86 18.98
CBC HEM M . 7.01 -16.68 18.50
C1D HEM M . 4.03 -19.34 16.23
C2D HEM M . 3.87 -18.85 14.87
C3D HEM M . 2.64 -19.59 14.31
C4D HEM M . 2.19 -20.45 15.39
CMD HEM M . 4.75 -17.81 14.13
CAD HEM M . 2.02 -19.45 12.90
CBD HEM M . 0.75 -18.62 12.97
CGD HEM M . -0.24 -19.09 11.94
O1D HEM M . 0.06 -18.99 10.72
O2D HEM M . -1.34 -19.57 12.33
NA HEM M . 1.44 -22.58 17.40
NB HEM M . 2.97 -22.69 19.92
NC HEM M . 4.49 -20.33 19.05
ND HEM M . 3.03 -20.27 16.49
FE HEM M . 3.00 -21.45 18.21
C1 BOG N . 35.33 -13.87 12.09
O1 BOG N . 35.18 -14.47 10.83
C2 BOG N . 35.01 -14.89 13.15
O2 BOG N . 33.75 -15.42 12.88
C3 BOG N . 35.06 -14.21 14.47
O3 BOG N . 34.64 -15.09 15.48
C4 BOG N . 36.50 -13.73 14.65
O4 BOG N . 36.74 -13.11 15.90
C5 BOG N . 36.78 -12.75 13.52
O5 BOG N . 36.64 -13.52 12.37
C6 BOG N . 38.21 -12.27 13.43
O6 BOG N . 38.42 -11.22 14.37
C1' BOG N . 36.35 -14.34 10.09
C2' BOG N . 35.96 -13.76 8.75
C3' BOG N . 37.13 -12.97 8.21
C4' BOG N . 36.74 -11.53 8.04
C5' BOG N . 37.97 -10.66 8.22
C6' BOG N . 37.96 -9.46 7.27
C7' BOG N . 37.38 -8.20 7.92
C8' BOG N . 38.37 -7.02 7.95
C1 BOG O . 24.36 -6.14 7.51
O1 BOG O . 23.81 -5.42 8.58
C2 BOG O . 24.91 -7.41 8.06
O2 BOG O . 25.83 -7.10 9.05
C3 BOG O . 25.55 -8.15 6.93
O3 BOG O . 26.19 -9.30 7.43
C4 BOG O . 24.44 -8.45 5.93
O4 BOG O . 24.89 -9.21 4.82
C5 BOG O . 23.87 -7.12 5.48
O5 BOG O . 23.37 -6.55 6.64
C6 BOG O . 22.67 -7.21 4.56
O6 BOG O . 21.56 -7.80 5.21
C1' BOG O . 24.03 -4.06 8.32
C2' BOG O . 24.60 -3.49 9.60
C3' BOG O . 26.06 -3.19 9.37
C4' BOG O . 26.50 -2.07 10.28
C5' BOG O . 27.89 -2.37 10.79
C6' BOG O . 27.92 -2.37 12.33
C7' BOG O . 29.15 -3.11 12.86
C8' BOG O . 30.20 -2.14 13.43
C FLP P . 14.11 -12.79 13.29
C1 FLP P . 15.16 -11.98 13.34
C2 FLP P . 15.07 -10.67 14.13
C3 FLP P . 13.95 -10.34 14.74
C4 FLP P . 12.74 -11.28 14.67
C5 FLP P . 12.82 -12.41 14.00
C6 FLP P . 16.29 -9.73 14.18
C7 FLP P . 16.13 -8.26 13.78
C8 FLP P . 17.16 -7.45 13.82
C9 FLP P . 18.53 -7.96 14.28
C10 FLP P . 18.67 -9.23 14.62
C11 FLP P . 17.47 -10.18 14.58
C12 FLP P . 19.73 -7.03 14.31
C13 FLP P . 19.39 -5.61 14.77
C14 FLP P . 20.42 -7.04 12.95
O FLP P . 19.88 -6.54 12.01
O1 FLP P . 21.27 -7.84 12.75
F FLP P . 17.63 -11.49 14.94
#